data_4GUX
#
_entry.id   4GUX
#
_cell.length_a   136.139
_cell.length_b   71.852
_cell.length_c   108.460
_cell.angle_alpha   90.00
_cell.angle_beta   119.76
_cell.angle_gamma   90.00
#
_symmetry.space_group_name_H-M   'C 1 2 1'
#
loop_
_entity.id
_entity.type
_entity.pdbx_description
1 polymer 'Cationic trypsin'
2 polymer 'Trypsin inhibitor 2'
3 non-polymer 'CALCIUM ION'
4 non-polymer 'ACETATE ION'
5 water water
#
loop_
_entity_poly.entity_id
_entity_poly.type
_entity_poly.pdbx_seq_one_letter_code
_entity_poly.pdbx_strand_id
1 'polypeptide(L)'
;MKTFIFLALLGAAVAFPVDDDDKIVGGYTCGANTVPYQVSLNSGYHFCGGSLINSQWVVSAAHCYKSGIQVRLGEDNINV
VEGNEQFISASKSIVHPSYNSNTLNNDIMLIKLKSAASLNSRVASISLPTSCASAGTQCLISGWGNTKSSGTSYPDVLKC
LKAPILSDSSCKSAYPGQITSNMFCAGYLEGGKDSCQGDSGGPVVCSGKLQGIVSWGSGCAQKNKPGVYTKVCNYVSWIK
QTIASN
;
A,B,C
2 'polypeptide(L)' SGSDGGVCPKILKKCRRDSDCPGACICRGNGYCG D,E,F
#
loop_
_chem_comp.id
_chem_comp.type
_chem_comp.name
_chem_comp.formula
ACT non-polymer 'ACETATE ION' 'C2 H3 O2 -1'
CA non-polymer 'CALCIUM ION' 'Ca 2'
#
# COMPACT_ATOMS: atom_id res chain seq x y z
N ILE A 24 0.38 -9.49 10.72
CA ILE A 24 0.89 -8.19 11.11
C ILE A 24 1.33 -7.41 9.88
N VAL A 25 0.71 -6.26 9.65
CA VAL A 25 1.05 -5.39 8.53
C VAL A 25 1.88 -4.22 9.03
N GLY A 26 2.97 -3.92 8.32
CA GLY A 26 3.80 -2.78 8.65
C GLY A 26 4.71 -3.04 9.84
N GLY A 27 4.96 -4.32 10.12
CA GLY A 27 5.72 -4.70 11.30
C GLY A 27 7.14 -5.13 11.01
N TYR A 28 7.72 -5.92 11.91
CA TYR A 28 9.09 -6.38 11.78
C TYR A 28 9.20 -7.85 12.18
N THR A 29 10.25 -8.53 11.70
CA THR A 29 10.47 -9.91 12.11
C THR A 29 10.93 -9.94 13.58
N CYS A 30 10.21 -10.68 14.43
CA CYS A 30 10.48 -10.65 15.87
C CYS A 30 11.87 -11.17 16.19
N GLY A 31 12.21 -12.31 15.60
CA GLY A 31 13.38 -13.05 15.98
C GLY A 31 12.90 -14.29 16.71
N ALA A 32 13.55 -15.43 16.45
CA ALA A 32 13.11 -16.70 17.00
C ALA A 32 12.93 -16.68 18.52
N ASN A 33 11.74 -17.09 18.97
CA ASN A 33 11.46 -17.27 20.39
C ASN A 33 11.65 -16.02 21.25
N THR A 34 11.57 -14.84 20.63
CA THR A 34 11.70 -13.58 21.35
C THR A 34 10.37 -13.15 22.00
N VAL A 35 9.30 -13.86 21.66
CA VAL A 35 7.97 -13.64 22.23
C VAL A 35 7.49 -15.01 22.75
N PRO A 36 8.06 -15.46 23.89
CA PRO A 36 7.97 -16.86 24.32
C PRO A 36 6.60 -17.28 24.81
N TYR A 37 5.70 -16.32 25.01
CA TYR A 37 4.32 -16.59 25.41
C TYR A 37 3.37 -16.74 24.20
N GLN A 38 3.86 -16.42 23.00
CA GLN A 38 3.07 -16.55 21.79
C GLN A 38 2.92 -18.01 21.38
N VAL A 39 1.69 -18.46 21.20
CA VAL A 39 1.44 -19.78 20.63
C VAL A 39 0.66 -19.70 19.33
N SER A 40 0.70 -20.79 18.58
CA SER A 40 -0.08 -20.95 17.36
C SER A 40 -1.15 -22.01 17.61
N LEU A 41 -2.38 -21.72 17.19
CA LEU A 41 -3.48 -22.68 17.25
C LEU A 41 -3.58 -23.34 15.89
N ASN A 42 -3.51 -24.68 15.87
CA ASN A 42 -3.43 -25.41 14.60
C ASN A 42 -4.50 -26.49 14.49
N SER A 43 -5.28 -26.45 13.41
CA SER A 43 -6.31 -27.44 13.14
CA SER A 43 -6.27 -27.50 13.18
C SER A 43 -6.06 -28.15 11.82
N GLY A 44 -4.80 -28.33 11.46
CA GLY A 44 -4.44 -28.84 10.14
C GLY A 44 -3.70 -27.73 9.42
N TYR A 45 -3.94 -26.50 9.88
CA TYR A 45 -3.15 -25.35 9.48
C TYR A 45 -3.22 -24.28 10.57
N HIS A 46 -2.24 -23.38 10.62
CA HIS A 46 -2.29 -22.28 11.58
C HIS A 46 -3.49 -21.39 11.27
N PHE A 47 -4.32 -21.09 12.27
CA PHE A 47 -5.50 -20.26 12.03
C PHE A 47 -5.67 -19.08 12.99
N CYS A 48 -5.04 -19.16 14.16
CA CYS A 48 -5.17 -18.14 15.18
C CYS A 48 -3.94 -18.19 16.08
N GLY A 49 -3.69 -17.11 16.81
CA GLY A 49 -2.68 -17.12 17.86
C GLY A 49 -3.30 -17.30 19.25
N GLY A 50 -2.44 -17.29 20.26
CA GLY A 50 -2.86 -17.38 21.64
C GLY A 50 -1.73 -16.95 22.56
N SER A 51 -2.02 -16.84 23.85
CA SER A 51 -1.00 -16.40 24.80
C SER A 51 -0.96 -17.36 25.96
N LEU A 52 0.22 -17.88 26.27
CA LEU A 52 0.37 -18.80 27.39
C LEU A 52 0.34 -18.00 28.70
N ILE A 53 -0.54 -18.35 29.63
CA ILE A 53 -0.64 -17.59 30.89
C ILE A 53 -0.24 -18.40 32.12
N ASN A 54 -0.21 -19.73 31.97
CA ASN A 54 0.51 -20.59 32.91
C ASN A 54 0.82 -21.89 32.19
N SER A 55 1.44 -22.85 32.88
CA SER A 55 1.92 -24.04 32.20
C SER A 55 0.80 -24.87 31.59
N GLN A 56 -0.44 -24.59 31.99
CA GLN A 56 -1.57 -25.39 31.51
C GLN A 56 -2.63 -24.64 30.70
N TRP A 57 -2.54 -23.32 30.62
CA TRP A 57 -3.64 -22.53 30.07
C TRP A 57 -3.20 -21.47 29.08
N VAL A 58 -4.00 -21.33 28.02
CA VAL A 58 -3.76 -20.37 26.95
C VAL A 58 -4.99 -19.47 26.80
N VAL A 59 -4.77 -18.17 26.62
CA VAL A 59 -5.85 -17.23 26.35
C VAL A 59 -5.90 -16.96 24.86
N SER A 60 -7.07 -17.06 24.27
CA SER A 60 -7.23 -16.74 22.85
C SER A 60 -8.58 -16.03 22.64
N ALA A 61 -9.00 -15.89 21.38
CA ALA A 61 -10.28 -15.25 21.08
C ALA A 61 -11.38 -16.30 21.00
N ALA A 62 -12.60 -15.93 21.40
CA ALA A 62 -13.74 -16.85 21.30
C ALA A 62 -14.00 -17.27 19.86
N HIS A 63 -13.78 -16.38 18.90
CA HIS A 63 -14.08 -16.72 17.51
C HIS A 63 -13.04 -17.69 16.91
N CYS A 64 -12.01 -18.00 17.68
CA CYS A 64 -11.02 -19.01 17.31
C CYS A 64 -11.40 -20.40 17.80
N TYR A 65 -12.58 -20.55 18.39
CA TYR A 65 -13.00 -21.88 18.81
C TYR A 65 -13.11 -22.89 17.66
N LYS A 66 -12.49 -24.06 17.85
CA LYS A 66 -12.70 -25.23 17.01
C LYS A 66 -12.60 -26.44 17.94
N SER A 67 -13.20 -27.55 17.55
CA SER A 67 -12.95 -28.79 18.28
C SER A 67 -11.60 -29.34 17.84
N GLY A 68 -10.89 -30.02 18.74
CA GLY A 68 -9.66 -30.69 18.38
C GLY A 68 -8.46 -29.80 18.07
N ILE A 69 -8.37 -28.64 18.71
CA ILE A 69 -7.25 -27.74 18.50
C ILE A 69 -5.94 -28.35 18.99
N GLN A 70 -4.88 -28.13 18.21
CA GLN A 70 -3.54 -28.43 18.68
C GLN A 70 -2.77 -27.13 18.95
N VAL A 71 -2.27 -26.97 20.17
CA VAL A 71 -1.52 -25.78 20.54
C VAL A 71 -0.05 -26.02 20.23
N ARG A 72 0.57 -25.08 19.52
CA ARG A 72 1.98 -25.22 19.21
C ARG A 72 2.78 -24.10 19.86
N LEU A 73 3.67 -24.50 20.77
CA LEU A 73 4.48 -23.58 21.57
C LEU A 73 5.93 -23.61 21.12
N GLY A 74 6.67 -22.55 21.42
CA GLY A 74 8.07 -22.47 21.06
C GLY A 74 8.31 -22.37 19.56
N GLU A 75 7.28 -21.99 18.82
CA GLU A 75 7.34 -21.86 17.38
C GLU A 75 7.99 -20.55 16.93
N ASP A 76 8.78 -20.61 15.87
CA ASP A 76 9.11 -19.41 15.11
C ASP A 76 8.65 -19.59 13.67
N ASN A 77 9.36 -20.41 12.91
CA ASN A 77 8.91 -20.77 11.57
C ASN A 77 7.88 -21.86 11.66
N ILE A 78 6.60 -21.54 11.47
CA ILE A 78 5.56 -22.53 11.70
C ILE A 78 5.56 -23.66 10.67
N ASN A 79 6.34 -23.50 9.60
CA ASN A 79 6.36 -24.50 8.53
C ASN A 79 7.61 -25.38 8.52
N VAL A 80 8.50 -25.18 9.50
CA VAL A 80 9.75 -25.92 9.57
C VAL A 80 10.05 -26.33 11.00
N VAL A 81 10.30 -27.62 11.23
CA VAL A 81 10.69 -28.07 12.57
C VAL A 81 12.07 -27.57 12.93
N GLU A 82 12.15 -26.70 13.94
CA GLU A 82 13.42 -26.08 14.29
C GLU A 82 14.00 -26.55 15.62
N GLY A 83 13.23 -27.34 16.37
CA GLY A 83 13.77 -28.01 17.54
C GLY A 83 13.36 -27.52 18.93
N ASN A 84 12.62 -26.43 19.00
CA ASN A 84 12.16 -25.92 20.30
C ASN A 84 10.66 -25.97 20.48
N GLU A 85 9.97 -26.58 19.53
CA GLU A 85 8.51 -26.66 19.57
C GLU A 85 8.00 -27.66 20.61
N GLN A 86 6.84 -27.36 21.16
CA GLN A 86 6.06 -28.34 21.89
C GLN A 86 4.67 -28.34 21.28
N PHE A 87 4.22 -29.50 20.83
CA PHE A 87 2.85 -29.66 20.31
C PHE A 87 1.97 -30.32 21.36
N ILE A 88 0.95 -29.61 21.82
CA ILE A 88 0.08 -30.15 22.87
C ILE A 88 -1.38 -29.96 22.52
N SER A 89 -2.13 -31.05 22.52
CA SER A 89 -3.55 -30.98 22.20
C SER A 89 -4.32 -30.24 23.28
N ALA A 90 -5.33 -29.48 22.86
CA ALA A 90 -6.24 -28.88 23.81
C ALA A 90 -7.13 -29.98 24.39
N SER A 91 -7.29 -29.98 25.71
CA SER A 91 -8.23 -30.91 26.33
C SER A 91 -9.56 -30.21 26.56
N LYS A 92 -9.51 -28.90 26.75
CA LYS A 92 -10.70 -28.09 26.98
C LYS A 92 -10.56 -26.74 26.28
N SER A 93 -11.60 -26.32 25.59
CA SER A 93 -11.63 -25.00 24.95
C SER A 93 -12.90 -24.26 25.38
N ILE A 94 -12.75 -23.30 26.28
CA ILE A 94 -13.87 -22.70 26.98
C ILE A 94 -14.13 -21.27 26.54
N VAL A 95 -15.19 -21.09 25.76
CA VAL A 95 -15.60 -19.80 25.25
C VAL A 95 -16.34 -19.00 26.32
N HIS A 96 -16.16 -17.68 26.36
CA HIS A 96 -16.87 -16.89 27.34
C HIS A 96 -18.37 -17.09 27.15
N PRO A 97 -19.11 -17.29 28.26
CA PRO A 97 -20.54 -17.61 28.19
C PRO A 97 -21.36 -16.56 27.46
N SER A 98 -20.90 -15.31 27.44
CA SER A 98 -21.66 -14.21 26.85
C SER A 98 -21.11 -13.74 25.51
N TYR A 99 -20.21 -14.53 24.94
CA TYR A 99 -19.67 -14.23 23.61
C TYR A 99 -20.81 -14.12 22.61
N ASN A 100 -20.77 -13.06 21.79
CA ASN A 100 -21.74 -12.86 20.71
C ASN A 100 -20.97 -12.88 19.38
N SER A 101 -21.34 -13.79 18.48
CA SER A 101 -20.54 -13.99 17.28
C SER A 101 -20.85 -13.00 16.14
N ASN A 102 -21.85 -12.15 16.33
CA ASN A 102 -22.11 -11.09 15.37
C ASN A 102 -21.45 -9.76 15.76
N THR A 103 -21.50 -9.43 17.04
CA THR A 103 -20.91 -8.17 17.53
C THR A 103 -19.46 -8.34 17.98
N LEU A 104 -19.10 -9.60 18.23
CA LEU A 104 -17.84 -9.98 18.84
C LEU A 104 -17.65 -9.46 20.28
N ASN A 105 -18.75 -9.13 20.96
CA ASN A 105 -18.65 -8.78 22.37
C ASN A 105 -18.20 -10.02 23.16
N ASN A 106 -17.37 -9.82 24.17
CA ASN A 106 -16.82 -10.91 24.99
C ASN A 106 -16.00 -11.92 24.19
N ASP A 107 -15.12 -11.43 23.33
CA ASP A 107 -14.36 -12.29 22.42
C ASP A 107 -13.13 -12.84 23.12
N ILE A 108 -13.37 -13.76 24.05
CA ILE A 108 -12.27 -14.38 24.79
C ILE A 108 -12.59 -15.86 25.04
N MET A 109 -11.54 -16.68 25.01
CA MET A 109 -11.65 -18.12 25.19
C MET A 109 -10.44 -18.61 25.96
N LEU A 110 -10.64 -19.61 26.82
CA LEU A 110 -9.53 -20.23 27.54
C LEU A 110 -9.33 -21.64 27.03
N ILE A 111 -8.08 -21.98 26.71
CA ILE A 111 -7.78 -23.33 26.26
C ILE A 111 -6.92 -24.04 27.30
N LYS A 112 -7.37 -25.21 27.75
CA LYS A 112 -6.55 -26.01 28.66
C LYS A 112 -5.72 -27.03 27.88
N LEU A 113 -4.43 -27.09 28.19
CA LEU A 113 -3.55 -28.06 27.56
C LEU A 113 -3.72 -29.47 28.16
N LYS A 114 -3.73 -30.48 27.31
CA LYS A 114 -3.88 -31.87 27.74
C LYS A 114 -2.79 -32.28 28.72
N SER A 115 -1.58 -31.77 28.51
CA SER A 115 -0.48 -31.96 29.44
C SER A 115 0.19 -30.60 29.61
N ALA A 116 0.88 -30.39 30.73
CA ALA A 116 1.53 -29.11 30.99
C ALA A 116 2.70 -28.85 30.04
N ALA A 117 2.81 -27.62 29.55
CA ALA A 117 3.97 -27.23 28.78
C ALA A 117 5.20 -27.23 29.69
N SER A 118 6.35 -27.57 29.14
CA SER A 118 7.61 -27.47 29.84
CA SER A 118 7.62 -27.46 29.84
C SER A 118 8.15 -26.05 29.69
N LEU A 119 8.11 -25.29 30.78
CA LEU A 119 8.54 -23.90 30.72
C LEU A 119 10.06 -23.78 30.62
N ASN A 120 10.50 -22.90 29.73
CA ASN A 120 11.92 -22.61 29.56
C ASN A 120 12.07 -21.22 28.98
N SER A 121 13.25 -20.87 28.52
CA SER A 121 13.48 -19.51 28.03
C SER A 121 12.67 -19.22 26.77
N ARG A 122 12.30 -20.28 26.04
CA ARG A 122 11.62 -20.09 24.76
C ARG A 122 10.13 -20.37 24.86
N VAL A 123 9.71 -20.90 26.00
CA VAL A 123 8.30 -21.17 26.26
C VAL A 123 7.98 -20.67 27.66
N ALA A 124 7.32 -19.51 27.74
CA ALA A 124 7.12 -18.84 29.01
C ALA A 124 5.74 -18.19 29.09
N SER A 125 5.24 -18.01 30.30
CA SER A 125 3.94 -17.38 30.47
CA SER A 125 3.94 -17.39 30.53
C SER A 125 4.06 -15.87 30.52
N ILE A 126 2.95 -15.20 30.24
CA ILE A 126 2.86 -13.75 30.33
C ILE A 126 1.85 -13.41 31.44
N SER A 127 2.16 -12.39 32.22
CA SER A 127 1.31 -12.00 33.35
C SER A 127 -0.02 -11.37 32.92
N LEU A 128 -1.06 -11.65 33.69
CA LEU A 128 -2.34 -10.97 33.53
C LEU A 128 -2.25 -9.60 34.17
N PRO A 129 -3.11 -8.66 33.73
CA PRO A 129 -3.03 -7.32 34.31
C PRO A 129 -3.73 -7.26 35.66
N THR A 130 -3.39 -6.27 36.48
CA THR A 130 -4.12 -6.02 37.72
C THR A 130 -5.08 -4.85 37.57
N SER A 131 -4.92 -4.09 36.48
CA SER A 131 -5.88 -3.05 36.12
C SER A 131 -5.71 -2.72 34.63
N CYS A 132 -6.59 -1.86 34.12
CA CYS A 132 -6.61 -1.55 32.69
C CYS A 132 -5.60 -0.49 32.32
N ALA A 133 -5.00 -0.62 31.14
CA ALA A 133 -4.00 0.32 30.67
C ALA A 133 -4.65 1.57 30.09
N SER A 134 -3.99 2.71 30.28
CA SER A 134 -4.53 3.96 29.79
C SER A 134 -4.11 4.22 28.35
N ALA A 135 -4.87 5.09 27.68
CA ALA A 135 -4.55 5.51 26.32
C ALA A 135 -3.13 6.04 26.24
N GLY A 136 -2.44 5.71 25.17
CA GLY A 136 -1.08 6.17 24.97
C GLY A 136 -0.02 5.16 25.35
N THR A 137 -0.38 4.19 26.18
CA THR A 137 0.54 3.14 26.59
C THR A 137 1.02 2.36 25.37
N GLN A 138 2.31 2.10 25.30
CA GLN A 138 2.85 1.36 24.15
C GLN A 138 2.75 -0.13 24.39
N CYS A 139 2.41 -0.88 23.34
CA CYS A 139 2.26 -2.32 23.46
C CYS A 139 2.97 -3.08 22.35
N LEU A 140 3.15 -4.36 22.58
CA LEU A 140 3.67 -5.27 21.56
C LEU A 140 2.58 -6.22 21.08
N ILE A 141 2.31 -6.18 19.77
CA ILE A 141 1.33 -7.05 19.13
C ILE A 141 2.07 -8.02 18.18
N SER A 142 1.70 -9.29 18.20
CA SER A 142 2.46 -10.28 17.43
C SER A 142 1.60 -11.38 16.84
N GLY A 143 2.09 -12.01 15.77
CA GLY A 143 1.38 -13.14 15.18
C GLY A 143 1.87 -13.56 13.81
N TRP A 144 1.22 -14.57 13.26
CA TRP A 144 1.54 -15.10 11.95
C TRP A 144 0.44 -14.75 10.95
N GLY A 145 -0.24 -13.64 11.19
CA GLY A 145 -1.28 -13.14 10.30
C GLY A 145 -0.72 -12.54 9.01
N ASN A 146 -1.60 -12.27 8.05
CA ASN A 146 -1.23 -11.64 6.79
C ASN A 146 -0.31 -10.45 7.01
N THR A 147 0.78 -10.35 6.24
CA THR A 147 1.67 -9.20 6.33
C THR A 147 1.40 -8.19 5.21
N LYS A 148 0.33 -8.42 4.46
CA LYS A 148 -0.27 -7.38 3.61
C LYS A 148 -1.73 -7.20 4.03
N SER A 149 -2.28 -6.01 3.82
CA SER A 149 -3.65 -5.73 4.24
C SER A 149 -4.64 -6.59 3.46
N SER A 150 -4.29 -6.91 2.21
CA SER A 150 -5.11 -7.81 1.40
CA SER A 150 -5.11 -7.79 1.39
C SER A 150 -4.21 -8.69 0.54
N GLY A 151 -4.80 -9.71 -0.07
CA GLY A 151 -4.02 -10.60 -0.90
C GLY A 151 -3.34 -11.69 -0.10
N THR A 152 -2.33 -12.31 -0.69
CA THR A 152 -1.71 -13.50 -0.13
C THR A 152 -0.32 -13.18 0.38
N SER A 153 -0.17 -13.16 1.70
CA SER A 153 1.10 -12.82 2.31
C SER A 153 1.18 -13.37 3.73
N TYR A 154 0.97 -14.68 3.86
CA TYR A 154 0.94 -15.34 5.17
C TYR A 154 2.32 -15.88 5.51
N PRO A 155 2.92 -15.37 6.61
CA PRO A 155 4.34 -15.57 6.86
C PRO A 155 4.69 -16.95 7.40
N ASP A 156 5.97 -17.31 7.28
CA ASP A 156 6.54 -18.48 7.95
C ASP A 156 6.90 -18.15 9.39
N VAL A 157 7.56 -17.00 9.59
CA VAL A 157 8.06 -16.64 10.93
C VAL A 157 7.24 -15.56 11.63
N LEU A 158 7.38 -15.50 12.95
CA LEU A 158 6.58 -14.58 13.77
C LEU A 158 6.91 -13.11 13.48
N LYS A 159 5.86 -12.29 13.35
CA LYS A 159 6.05 -10.87 13.09
C LYS A 159 5.52 -10.08 14.28
N CYS A 160 6.03 -8.86 14.41
CA CYS A 160 5.82 -8.02 15.59
C CYS A 160 5.49 -6.59 15.20
N LEU A 161 4.76 -5.92 16.07
CA LEU A 161 4.41 -4.52 15.85
C LEU A 161 4.36 -3.81 17.19
N LYS A 162 5.00 -2.65 17.28
CA LYS A 162 4.77 -1.77 18.43
C LYS A 162 3.64 -0.80 18.10
N ALA A 163 2.67 -0.68 18.99
CA ALA A 163 1.50 0.14 18.75
C ALA A 163 0.90 0.60 20.06
N PRO A 164 0.40 1.85 20.10
CA PRO A 164 -0.17 2.43 21.32
C PRO A 164 -1.66 2.18 21.46
N ILE A 165 -2.12 2.07 22.70
CA ILE A 165 -3.56 2.05 22.98
C ILE A 165 -4.15 3.40 22.62
N LEU A 166 -5.29 3.39 21.95
CA LEU A 166 -5.92 4.65 21.54
C LEU A 166 -7.03 5.03 22.51
N SER A 167 -7.40 6.31 22.49
CA SER A 167 -8.41 6.80 23.40
C SER A 167 -9.77 6.16 23.12
N ASP A 168 -10.59 6.06 24.15
CA ASP A 168 -11.95 5.55 24.00
C ASP A 168 -12.72 6.41 22.99
N SER A 169 -12.55 7.73 23.05
CA SER A 169 -13.27 8.58 22.08
C SER A 169 -12.82 8.38 20.62
N SER A 170 -11.51 8.19 20.40
CA SER A 170 -11.00 7.93 19.06
C SER A 170 -11.55 6.61 18.54
N CYS A 171 -11.55 5.61 19.42
CA CYS A 171 -12.00 4.28 19.06
C CYS A 171 -13.47 4.33 18.68
N LYS A 172 -14.28 4.94 19.54
CA LYS A 172 -15.71 5.01 19.30
C LYS A 172 -16.08 5.86 18.08
N SER A 173 -15.28 6.87 17.79
CA SER A 173 -15.56 7.67 16.60
CA SER A 173 -15.52 7.69 16.59
C SER A 173 -15.17 6.92 15.33
N ALA A 174 -14.13 6.09 15.42
CA ALA A 174 -13.69 5.32 14.26
C ALA A 174 -14.68 4.22 13.90
N TYR A 175 -15.34 3.67 14.91
CA TYR A 175 -16.27 2.56 14.72
C TYR A 175 -17.61 2.83 15.38
N PRO A 176 -18.39 3.77 14.82
CA PRO A 176 -19.64 4.21 15.44
C PRO A 176 -20.59 3.04 15.76
N GLY A 177 -20.93 2.89 17.04
CA GLY A 177 -21.91 1.91 17.46
C GLY A 177 -21.40 0.49 17.56
N GLN A 178 -20.13 0.28 17.25
CA GLN A 178 -19.58 -1.08 17.18
C GLN A 178 -18.64 -1.43 18.34
N ILE A 179 -18.28 -0.44 19.14
CA ILE A 179 -17.31 -0.67 20.23
C ILE A 179 -18.01 -0.86 21.58
N THR A 180 -17.84 -2.03 22.18
CA THR A 180 -18.44 -2.26 23.50
C THR A 180 -17.45 -1.97 24.60
N SER A 181 -17.92 -2.05 25.85
CA SER A 181 -17.06 -1.86 27.01
C SER A 181 -15.92 -2.88 27.05
N ASN A 182 -16.03 -3.94 26.27
CA ASN A 182 -15.05 -5.02 26.33
C ASN A 182 -14.05 -5.00 25.18
N MET A 183 -13.95 -3.84 24.53
CA MET A 183 -13.10 -3.65 23.36
C MET A 183 -12.30 -2.37 23.47
N PHE A 184 -11.07 -2.40 22.98
CA PHE A 184 -10.31 -1.16 22.81
C PHE A 184 -9.60 -1.17 21.46
N CYS A 185 -9.22 0.01 20.99
CA CYS A 185 -8.47 0.16 19.75
C CYS A 185 -7.00 0.37 20.06
N ALA A 186 -6.13 -0.20 19.24
CA ALA A 186 -4.71 0.10 19.33
C ALA A 186 -4.16 0.20 17.93
N GLY A 187 -3.13 1.03 17.75
CA GLY A 187 -2.56 1.17 16.43
C GLY A 187 -2.38 2.63 16.06
N TYR A 188 -2.70 2.97 14.81
CA TYR A 188 -2.38 4.26 14.25
C TYR A 188 -3.54 4.71 13.37
N LEU A 189 -4.11 5.87 13.68
CA LEU A 189 -5.22 6.38 12.90
C LEU A 189 -4.80 6.68 11.46
N GLU A 190 -3.52 6.91 11.23
CA GLU A 190 -3.03 7.18 9.89
CA GLU A 190 -3.06 7.19 9.89
C GLU A 190 -2.95 5.91 9.04
N GLY A 191 -3.06 4.75 9.69
CA GLY A 191 -3.00 3.48 8.99
C GLY A 191 -1.59 2.96 8.77
N GLY A 192 -1.43 1.89 7.99
CA GLY A 192 -0.11 1.37 7.66
C GLY A 192 0.39 0.25 8.55
N LYS A 193 0.05 0.30 9.84
CA LYS A 193 0.52 -0.68 10.81
C LYS A 193 -0.68 -1.25 11.57
N ASP A 194 -0.84 -2.57 11.58
CA ASP A 194 -2.05 -3.17 12.17
C ASP A 194 -1.87 -4.68 12.28
N SER A 195 -2.76 -5.33 13.04
CA SER A 195 -2.90 -6.78 12.99
C SER A 195 -3.83 -7.14 11.83
N CYS A 196 -3.80 -8.39 11.38
CA CYS A 196 -4.59 -8.76 10.22
C CYS A 196 -4.97 -10.24 10.30
N GLN A 197 -5.64 -10.75 9.27
CA GLN A 197 -6.17 -12.12 9.27
C GLN A 197 -5.08 -13.14 9.56
N GLY A 198 -5.29 -13.96 10.59
CA GLY A 198 -4.29 -14.91 11.02
C GLY A 198 -3.67 -14.52 12.33
N ASP A 199 -3.81 -13.25 12.71
CA ASP A 199 -3.32 -12.78 14.00
C ASP A 199 -4.33 -12.96 15.13
N SER A 200 -5.60 -13.20 14.80
CA SER A 200 -6.67 -13.31 15.80
C SER A 200 -6.29 -14.20 16.97
N GLY A 201 -6.68 -13.78 18.17
CA GLY A 201 -6.45 -14.58 19.36
C GLY A 201 -5.10 -14.34 20.00
N GLY A 202 -4.18 -13.71 19.28
CA GLY A 202 -2.85 -13.46 19.79
C GLY A 202 -2.75 -12.26 20.74
N PRO A 203 -1.55 -12.05 21.28
CA PRO A 203 -1.29 -11.10 22.37
C PRO A 203 -1.16 -9.62 21.98
N VAL A 204 -1.69 -8.77 22.85
CA VAL A 204 -1.30 -7.37 22.92
C VAL A 204 -0.73 -7.20 24.32
N VAL A 205 0.58 -6.98 24.40
CA VAL A 205 1.25 -6.90 25.70
C VAL A 205 1.84 -5.51 25.95
N CYS A 206 1.47 -4.93 27.09
CA CYS A 206 1.88 -3.57 27.42
C CYS A 206 2.49 -3.57 28.81
N SER A 207 3.72 -3.08 28.93
CA SER A 207 4.41 -3.07 30.21
C SER A 207 4.37 -4.44 30.86
N GLY A 208 4.61 -5.47 30.05
CA GLY A 208 4.73 -6.83 30.57
C GLY A 208 3.44 -7.47 31.03
N LYS A 209 2.30 -6.87 30.71
CA LYS A 209 1.00 -7.46 31.03
C LYS A 209 0.21 -7.75 29.76
N LEU A 210 -0.57 -8.84 29.77
CA LEU A 210 -1.45 -9.15 28.64
C LEU A 210 -2.72 -8.31 28.70
N GLN A 211 -2.76 -7.22 27.94
CA GLN A 211 -3.90 -6.31 28.01
C GLN A 211 -4.92 -6.54 26.90
N GLY A 212 -4.49 -7.13 25.78
CA GLY A 212 -5.44 -7.33 24.69
C GLY A 212 -5.34 -8.66 23.98
N ILE A 213 -6.40 -8.97 23.24
CA ILE A 213 -6.44 -10.15 22.39
C ILE A 213 -6.84 -9.65 20.99
N VAL A 214 -6.06 -10.02 19.98
CA VAL A 214 -6.43 -9.63 18.61
C VAL A 214 -7.83 -10.13 18.27
N SER A 215 -8.71 -9.22 17.90
CA SER A 215 -10.12 -9.57 17.71
C SER A 215 -10.62 -9.27 16.29
N TRP A 216 -10.77 -7.99 15.94
CA TRP A 216 -11.38 -7.66 14.64
C TRP A 216 -10.99 -6.27 14.13
N GLY A 217 -11.42 -5.96 12.92
CA GLY A 217 -11.29 -4.61 12.40
C GLY A 217 -12.04 -4.50 11.10
N SER A 218 -12.15 -3.28 10.58
CA SER A 218 -12.64 -3.07 9.23
CA SER A 218 -12.63 -3.07 9.23
C SER A 218 -11.42 -3.00 8.32
N GLY A 219 -11.10 -4.11 7.67
CA GLY A 219 -9.88 -4.20 6.89
C GLY A 219 -8.69 -4.31 7.82
N CYS A 220 -7.50 -4.07 7.27
CA CYS A 220 -6.26 -4.03 8.05
C CYS A 220 -5.46 -2.82 7.63
N ALA A 221 -4.98 -2.07 8.61
CA ALA A 221 -4.04 -0.97 8.37
C ALA A 221 -4.60 0.19 7.56
N GLN A 222 -5.92 0.33 7.55
CA GLN A 222 -6.55 1.44 6.82
C GLN A 222 -6.62 2.70 7.68
N LYS A 223 -6.52 3.86 7.04
CA LYS A 223 -6.67 5.12 7.76
C LYS A 223 -8.02 5.18 8.49
N ASN A 224 -7.99 5.63 9.75
CA ASN A 224 -9.20 5.79 10.56
C ASN A 224 -9.84 4.47 10.99
N LYS A 225 -9.15 3.35 10.75
CA LYS A 225 -9.72 2.05 11.08
C LYS A 225 -8.71 1.20 11.82
N PRO A 226 -8.38 1.59 13.05
CA PRO A 226 -7.35 0.84 13.77
C PRO A 226 -7.87 -0.52 14.20
N GLY A 227 -6.97 -1.43 14.56
CA GLY A 227 -7.39 -2.72 15.06
C GLY A 227 -8.19 -2.63 16.36
N VAL A 228 -9.13 -3.54 16.51
CA VAL A 228 -9.95 -3.65 17.73
C VAL A 228 -9.57 -4.90 18.50
N TYR A 229 -9.48 -4.77 19.82
CA TYR A 229 -8.93 -5.82 20.68
C TYR A 229 -9.80 -6.08 21.88
N THR A 230 -9.82 -7.33 22.34
CA THR A 230 -10.58 -7.69 23.54
C THR A 230 -9.85 -7.14 24.77
N LYS A 231 -10.61 -6.48 25.65
CA LYS A 231 -10.04 -5.84 26.84
CA LYS A 231 -10.04 -5.85 26.85
C LYS A 231 -9.83 -6.86 27.96
N VAL A 232 -8.63 -7.43 28.03
CA VAL A 232 -8.35 -8.51 28.97
C VAL A 232 -8.55 -8.13 30.44
N CYS A 233 -8.28 -6.87 30.78
CA CYS A 233 -8.42 -6.43 32.17
C CYS A 233 -9.83 -6.63 32.72
N ASN A 234 -10.84 -6.67 31.84
CA ASN A 234 -12.23 -6.89 32.26
C ASN A 234 -12.52 -8.34 32.63
N TYR A 235 -11.60 -9.26 32.33
CA TYR A 235 -11.86 -10.68 32.46
C TYR A 235 -10.95 -11.41 33.44
N VAL A 236 -10.17 -10.67 34.22
CA VAL A 236 -9.23 -11.32 35.13
C VAL A 236 -9.96 -12.22 36.13
N SER A 237 -11.07 -11.73 36.68
CA SER A 237 -11.84 -12.54 37.61
C SER A 237 -12.38 -13.80 36.93
N TRP A 238 -12.95 -13.63 35.75
CA TRP A 238 -13.47 -14.78 35.01
C TRP A 238 -12.38 -15.79 34.65
N ILE A 239 -11.20 -15.31 34.27
CA ILE A 239 -10.12 -16.21 33.93
C ILE A 239 -9.71 -17.04 35.15
N LYS A 240 -9.50 -16.36 36.28
CA LYS A 240 -9.10 -17.06 37.49
C LYS A 240 -10.16 -18.06 37.95
N GLN A 241 -11.42 -17.68 37.87
CA GLN A 241 -12.50 -18.58 38.27
C GLN A 241 -12.60 -19.80 37.37
N THR A 242 -12.41 -19.60 36.07
CA THR A 242 -12.49 -20.70 35.12
C THR A 242 -11.32 -21.66 35.31
N ILE A 243 -10.13 -21.10 35.47
CA ILE A 243 -8.95 -21.93 35.72
C ILE A 243 -9.11 -22.72 37.02
N ALA A 244 -9.70 -22.09 38.03
CA ALA A 244 -9.85 -22.75 39.34
C ALA A 244 -10.87 -23.89 39.32
N SER A 245 -11.81 -23.85 38.38
CA SER A 245 -12.89 -24.83 38.37
C SER A 245 -12.81 -25.81 37.20
N ASN A 246 -11.71 -25.79 36.46
CA ASN A 246 -11.53 -26.68 35.32
C ASN A 246 -10.16 -27.31 35.27
N ILE B 24 12.85 -9.40 0.50
CA ILE B 24 13.63 -9.44 1.72
C ILE B 24 12.98 -10.38 2.72
N VAL B 25 13.69 -11.44 3.10
CA VAL B 25 13.20 -12.45 4.04
C VAL B 25 13.80 -12.18 5.41
N GLY B 26 12.98 -12.23 6.45
CA GLY B 26 13.48 -12.06 7.81
C GLY B 26 13.84 -10.63 8.18
N GLY B 27 13.27 -9.66 7.45
CA GLY B 27 13.61 -8.26 7.65
C GLY B 27 12.57 -7.47 8.43
N TYR B 28 12.54 -6.17 8.20
CA TYR B 28 11.58 -5.29 8.88
C TYR B 28 11.02 -4.26 7.91
N THR B 29 9.89 -3.65 8.25
CA THR B 29 9.34 -2.58 7.43
C THR B 29 10.20 -1.31 7.57
N CYS B 30 10.75 -0.83 6.46
CA CYS B 30 11.67 0.30 6.50
C CYS B 30 10.99 1.55 7.06
N GLY B 31 9.78 1.80 6.58
CA GLY B 31 9.09 3.04 6.86
C GLY B 31 9.16 3.91 5.61
N ALA B 32 8.11 4.66 5.32
CA ALA B 32 8.02 5.40 4.05
C ALA B 32 9.19 6.33 3.75
N ASN B 33 9.85 6.10 2.62
CA ASN B 33 10.91 6.98 2.11
C ASN B 33 12.10 7.10 3.06
N THR B 34 12.32 6.10 3.90
CA THR B 34 13.49 6.08 4.79
C THR B 34 14.76 5.59 4.08
N VAL B 35 14.60 5.03 2.89
CA VAL B 35 15.72 4.62 2.04
C VAL B 35 15.57 5.37 0.71
N PRO B 36 15.85 6.69 0.72
CA PRO B 36 15.45 7.55 -0.39
C PRO B 36 16.19 7.29 -1.71
N TYR B 37 17.26 6.50 -1.69
CA TYR B 37 18.02 6.15 -2.90
C TYR B 37 17.47 4.90 -3.57
N GLN B 38 16.54 4.21 -2.89
CA GLN B 38 15.98 2.97 -3.43
C GLN B 38 15.00 3.26 -4.56
N VAL B 39 15.19 2.61 -5.71
CA VAL B 39 14.23 2.77 -6.79
CA VAL B 39 14.23 2.76 -6.80
C VAL B 39 13.62 1.42 -7.18
N SER B 40 12.48 1.48 -7.87
CA SER B 40 11.82 0.31 -8.40
C SER B 40 11.90 0.40 -9.92
N LEU B 41 12.26 -0.70 -10.56
CA LEU B 41 12.23 -0.77 -12.02
C LEU B 41 10.94 -1.46 -12.42
N ASN B 42 10.21 -0.84 -13.35
CA ASN B 42 8.85 -1.27 -13.66
C ASN B 42 8.66 -1.46 -15.17
N SER B 43 8.18 -2.63 -15.55
N SER B 43 8.18 -2.64 -15.54
CA SER B 43 7.87 -2.90 -16.95
CA SER B 43 7.87 -2.93 -16.93
C SER B 43 6.52 -3.61 -17.01
C SER B 43 6.53 -3.63 -16.95
N GLY B 44 5.48 -2.91 -16.59
CA GLY B 44 4.17 -3.50 -16.46
C GLY B 44 3.94 -3.85 -15.00
N TYR B 45 5.01 -4.27 -14.32
CA TYR B 45 5.00 -4.52 -12.88
C TYR B 45 6.40 -4.33 -12.30
N HIS B 46 6.49 -4.17 -10.99
CA HIS B 46 7.81 -4.10 -10.36
C HIS B 46 8.55 -5.40 -10.56
N PHE B 47 9.78 -5.33 -11.09
CA PHE B 47 10.53 -6.57 -11.30
C PHE B 47 11.95 -6.59 -10.74
N CYS B 48 12.50 -5.40 -10.45
CA CYS B 48 13.85 -5.28 -9.94
C CYS B 48 13.97 -3.98 -9.16
N GLY B 49 14.94 -3.90 -8.27
CA GLY B 49 15.28 -2.66 -7.60
C GLY B 49 16.45 -1.96 -8.28
N GLY B 50 16.85 -0.83 -7.72
CA GLY B 50 18.03 -0.12 -8.19
C GLY B 50 18.38 0.95 -7.18
N SER B 51 19.50 1.64 -7.41
CA SER B 51 20.01 2.65 -6.48
C SER B 51 20.29 3.96 -7.23
N LEU B 52 19.69 5.06 -6.79
CA LEU B 52 19.93 6.35 -7.44
C LEU B 52 21.30 6.88 -7.03
N ILE B 53 22.20 7.13 -7.99
CA ILE B 53 23.54 7.63 -7.64
C ILE B 53 23.79 9.10 -7.97
N ASN B 54 22.90 9.69 -8.76
CA ASN B 54 22.84 11.13 -8.97
C ASN B 54 21.48 11.43 -9.58
N SER B 55 21.19 12.67 -9.98
CA SER B 55 19.82 12.97 -10.40
C SER B 55 19.44 12.36 -11.75
N GLN B 56 20.41 11.82 -12.49
CA GLN B 56 20.16 11.26 -13.82
C GLN B 56 20.45 9.76 -13.97
N TRP B 57 21.08 9.15 -12.97
CA TRP B 57 21.61 7.81 -13.14
C TRP B 57 21.26 6.83 -12.03
N VAL B 58 20.98 5.60 -12.42
CA VAL B 58 20.61 4.55 -11.50
C VAL B 58 21.52 3.35 -11.72
N VAL B 59 22.02 2.77 -10.65
CA VAL B 59 22.79 1.53 -10.73
C VAL B 59 21.86 0.33 -10.44
N SER B 60 21.87 -0.68 -11.30
CA SER B 60 21.11 -1.90 -11.04
C SER B 60 21.92 -3.13 -11.48
N ALA B 61 21.28 -4.29 -11.54
CA ALA B 61 21.96 -5.51 -12.03
C ALA B 61 21.81 -5.66 -13.55
N ALA B 62 22.81 -6.21 -14.21
CA ALA B 62 22.74 -6.42 -15.66
C ALA B 62 21.59 -7.36 -16.03
N HIS B 63 21.28 -8.34 -15.17
CA HIS B 63 20.21 -9.28 -15.49
C HIS B 63 18.82 -8.64 -15.38
N CYS B 64 18.78 -7.41 -14.87
CA CYS B 64 17.54 -6.64 -14.84
C CYS B 64 17.32 -5.87 -16.15
N TYR B 65 18.23 -6.01 -17.11
CA TYR B 65 18.04 -5.26 -18.35
C TYR B 65 16.75 -5.64 -19.10
N LYS B 66 16.03 -4.62 -19.53
CA LYS B 66 15.08 -4.77 -20.62
C LYS B 66 14.80 -3.43 -21.26
N SER B 67 14.39 -3.44 -22.53
CA SER B 67 14.08 -2.20 -23.20
C SER B 67 12.80 -1.58 -22.62
N GLY B 68 12.79 -0.25 -22.54
CA GLY B 68 11.58 0.49 -22.19
C GLY B 68 11.21 0.51 -20.71
N ILE B 69 12.19 0.25 -19.85
CA ILE B 69 12.00 0.30 -18.40
C ILE B 69 11.49 1.68 -17.96
N GLN B 70 10.55 1.68 -17.02
CA GLN B 70 10.24 2.91 -16.28
C GLN B 70 10.82 2.84 -14.88
N VAL B 71 11.53 3.90 -14.50
CA VAL B 71 12.13 3.98 -13.18
C VAL B 71 11.18 4.72 -12.24
N ARG B 72 10.94 4.14 -11.06
CA ARG B 72 10.04 4.75 -10.09
C ARG B 72 10.79 5.15 -8.82
N LEU B 73 10.89 6.46 -8.61
CA LEU B 73 11.60 7.00 -7.47
CA LEU B 73 11.60 7.04 -7.48
C LEU B 73 10.61 7.45 -6.40
N GLY B 74 11.07 7.50 -5.16
CA GLY B 74 10.24 7.99 -4.07
C GLY B 74 9.11 7.05 -3.70
N GLU B 75 9.27 5.77 -4.05
CA GLU B 75 8.23 4.77 -3.78
C GLU B 75 8.25 4.28 -2.35
N ASP B 76 7.07 4.02 -1.79
CA ASP B 76 7.01 3.13 -0.62
C ASP B 76 6.06 1.98 -0.89
N ASN B 77 4.75 2.25 -0.92
CA ASN B 77 3.81 1.22 -1.37
C ASN B 77 3.79 1.16 -2.89
N ILE B 78 4.34 0.11 -3.50
CA ILE B 78 4.45 0.13 -4.96
C ILE B 78 3.11 -0.05 -5.67
N ASN B 79 2.09 -0.42 -4.90
CA ASN B 79 0.78 -0.72 -5.47
C ASN B 79 -0.23 0.40 -5.31
N VAL B 80 0.19 1.52 -4.74
CA VAL B 80 -0.67 2.70 -4.60
C VAL B 80 0.14 3.92 -4.97
N VAL B 81 -0.40 4.82 -5.79
CA VAL B 81 0.32 6.08 -6.03
C VAL B 81 0.09 7.00 -4.84
N GLU B 82 1.14 7.26 -4.06
CA GLU B 82 0.97 7.91 -2.76
C GLU B 82 1.23 9.41 -2.78
N GLY B 83 1.84 9.90 -3.86
CA GLY B 83 1.97 11.34 -4.05
C GLY B 83 3.39 11.90 -4.02
N ASN B 84 4.36 11.07 -3.62
CA ASN B 84 5.76 11.49 -3.54
C ASN B 84 6.66 10.84 -4.60
N GLU B 85 6.05 10.07 -5.50
CA GLU B 85 6.84 9.37 -6.52
C GLU B 85 7.24 10.26 -7.68
N GLN B 86 8.28 9.84 -8.39
CA GLN B 86 8.59 10.38 -9.70
C GLN B 86 8.72 9.18 -10.63
N PHE B 87 7.94 9.19 -11.71
CA PHE B 87 7.95 8.12 -12.70
C PHE B 87 8.70 8.66 -13.92
N ILE B 88 9.87 8.09 -14.22
CA ILE B 88 10.69 8.60 -15.31
C ILE B 88 11.23 7.43 -16.13
N SER B 89 10.92 7.42 -17.42
CA SER B 89 11.36 6.30 -18.24
C SER B 89 12.88 6.31 -18.46
N ALA B 90 13.44 5.12 -18.65
CA ALA B 90 14.85 5.01 -18.97
C ALA B 90 15.12 5.51 -20.40
N SER B 91 16.15 6.31 -20.56
CA SER B 91 16.55 6.73 -21.90
CA SER B 91 16.58 6.76 -21.88
C SER B 91 17.73 5.89 -22.40
N LYS B 92 18.58 5.46 -21.48
CA LYS B 92 19.73 4.63 -21.84
C LYS B 92 19.90 3.54 -20.81
N SER B 93 20.34 2.37 -21.27
CA SER B 93 20.70 1.27 -20.38
C SER B 93 22.04 0.73 -20.83
N ILE B 94 23.00 0.72 -19.91
CA ILE B 94 24.37 0.33 -20.22
C ILE B 94 24.79 -0.82 -19.33
N VAL B 95 24.79 -2.02 -19.90
CA VAL B 95 25.20 -3.23 -19.20
C VAL B 95 26.72 -3.34 -19.26
N HIS B 96 27.34 -3.89 -18.22
CA HIS B 96 28.79 -4.02 -18.25
C HIS B 96 29.26 -4.83 -19.46
N PRO B 97 30.31 -4.34 -20.14
CA PRO B 97 30.79 -5.00 -21.35
C PRO B 97 31.16 -6.47 -21.15
N SER B 98 31.56 -6.85 -19.93
CA SER B 98 31.98 -8.24 -19.70
C SER B 98 30.95 -9.07 -18.92
N TYR B 99 29.71 -8.60 -18.88
CA TYR B 99 28.65 -9.37 -18.24
C TYR B 99 28.50 -10.75 -18.86
N ASN B 100 28.26 -11.76 -18.02
CA ASN B 100 27.91 -13.09 -18.49
C ASN B 100 26.61 -13.54 -17.86
N SER B 101 25.59 -13.80 -18.67
CA SER B 101 24.26 -14.12 -18.14
C SER B 101 24.18 -15.49 -17.49
N ASN B 102 25.18 -16.35 -17.71
CA ASN B 102 25.16 -17.68 -17.12
C ASN B 102 25.82 -17.72 -15.76
N THR B 103 26.96 -17.05 -15.64
CA THR B 103 27.67 -17.01 -14.36
C THR B 103 27.26 -15.82 -13.50
N LEU B 104 26.64 -14.82 -14.11
CA LEU B 104 26.39 -13.52 -13.48
C LEU B 104 27.67 -12.75 -13.08
N ASN B 105 28.79 -13.09 -13.70
CA ASN B 105 29.98 -12.26 -13.52
C ASN B 105 29.75 -10.86 -14.11
N ASN B 106 30.20 -9.84 -13.40
CA ASN B 106 30.01 -8.44 -13.83
C ASN B 106 28.54 -8.06 -13.97
N ASP B 107 27.74 -8.42 -12.96
CA ASP B 107 26.29 -8.21 -13.01
C ASP B 107 25.98 -6.79 -12.53
N ILE B 108 26.28 -5.82 -13.39
CA ILE B 108 26.03 -4.41 -13.10
C ILE B 108 25.56 -3.69 -14.35
N MET B 109 24.63 -2.77 -14.16
CA MET B 109 24.04 -2.02 -15.27
C MET B 109 23.80 -0.58 -14.81
N LEU B 110 24.03 0.37 -15.71
CA LEU B 110 23.71 1.77 -15.44
C LEU B 110 22.53 2.21 -16.31
N ILE B 111 21.59 2.91 -15.71
CA ILE B 111 20.42 3.43 -16.43
C ILE B 111 20.42 4.94 -16.35
N LYS B 112 20.25 5.60 -17.50
CA LYS B 112 20.11 7.05 -17.54
C LYS B 112 18.63 7.37 -17.68
N LEU B 113 18.17 8.29 -16.84
CA LEU B 113 16.79 8.72 -16.86
C LEU B 113 16.59 9.70 -18.01
N LYS B 114 15.40 9.67 -18.61
CA LYS B 114 15.06 10.54 -19.73
C LYS B 114 15.13 12.03 -19.35
N SER B 115 14.85 12.33 -18.09
CA SER B 115 14.95 13.68 -17.55
C SER B 115 15.49 13.58 -16.14
N ALA B 116 16.15 14.64 -15.67
CA ALA B 116 16.74 14.64 -14.34
C ALA B 116 15.67 14.59 -13.26
N ALA B 117 15.86 13.73 -12.27
CA ALA B 117 14.93 13.66 -11.16
C ALA B 117 15.04 14.91 -10.29
N SER B 118 13.98 15.23 -9.56
CA SER B 118 14.03 16.31 -8.58
C SER B 118 14.42 15.74 -7.24
N LEU B 119 15.66 15.98 -6.82
CA LEU B 119 16.09 15.47 -5.54
C LEU B 119 15.42 16.23 -4.40
N ASN B 120 15.04 15.51 -3.36
CA ASN B 120 14.41 16.12 -2.19
C ASN B 120 14.58 15.17 -1.01
N SER B 121 13.81 15.38 0.06
CA SER B 121 14.00 14.57 1.25
C SER B 121 13.65 13.10 1.02
N ARG B 122 12.73 12.84 0.09
CA ARG B 122 12.27 11.47 -0.19
C ARG B 122 12.93 10.83 -1.41
N VAL B 123 13.71 11.62 -2.15
CA VAL B 123 14.41 11.13 -3.34
C VAL B 123 15.84 11.66 -3.31
N ALA B 124 16.80 10.78 -3.06
CA ALA B 124 18.16 11.20 -2.78
C ALA B 124 19.17 10.21 -3.32
N SER B 125 20.36 10.70 -3.64
CA SER B 125 21.42 9.85 -4.16
CA SER B 125 21.43 9.85 -4.15
C SER B 125 22.17 9.14 -3.02
N ILE B 126 22.81 8.03 -3.35
CA ILE B 126 23.67 7.31 -2.40
C ILE B 126 25.10 7.37 -2.96
N SER B 127 26.09 7.58 -2.09
CA SER B 127 27.49 7.72 -2.53
C SER B 127 28.08 6.40 -3.00
N LEU B 128 28.95 6.48 -3.99
CA LEU B 128 29.75 5.33 -4.40
C LEU B 128 30.92 5.16 -3.43
N PRO B 129 31.43 3.93 -3.31
CA PRO B 129 32.53 3.68 -2.39
C PRO B 129 33.85 4.24 -2.89
N THR B 130 34.75 4.55 -1.95
CA THR B 130 36.11 4.94 -2.31
C THR B 130 37.07 3.80 -2.02
N SER B 131 36.59 2.80 -1.29
CA SER B 131 37.32 1.55 -1.12
C SER B 131 36.34 0.43 -0.85
N CYS B 132 36.78 -0.81 -0.99
CA CYS B 132 35.92 -1.96 -0.73
C CYS B 132 35.69 -2.12 0.77
N ALA B 133 34.54 -2.69 1.14
CA ALA B 133 34.25 -2.88 2.56
C ALA B 133 34.81 -4.20 3.06
N SER B 134 35.23 -4.21 4.32
CA SER B 134 35.81 -5.42 4.89
C SER B 134 34.73 -6.39 5.37
N ALA B 135 35.05 -7.67 5.34
CA ALA B 135 34.18 -8.70 5.89
C ALA B 135 33.85 -8.36 7.33
N GLY B 136 32.61 -8.64 7.72
CA GLY B 136 32.11 -8.29 9.04
C GLY B 136 31.41 -6.94 9.08
N THR B 137 31.63 -6.10 8.07
CA THR B 137 30.98 -4.80 8.02
C THR B 137 29.46 -5.01 7.94
N GLN B 138 28.71 -4.23 8.70
CA GLN B 138 27.25 -4.39 8.73
C GLN B 138 26.59 -3.51 7.67
N CYS B 139 25.68 -4.08 6.89
CA CYS B 139 25.08 -3.36 5.77
C CYS B 139 23.57 -3.32 5.81
N LEU B 140 22.99 -2.40 5.05
CA LEU B 140 21.53 -2.31 4.91
C LEU B 140 21.11 -2.77 3.52
N ILE B 141 20.26 -3.79 3.45
CA ILE B 141 19.80 -4.35 2.17
C ILE B 141 18.29 -4.13 2.11
N SER B 142 17.79 -3.65 0.98
CA SER B 142 16.39 -3.26 0.90
C SER B 142 15.74 -3.64 -0.44
N GLY B 143 14.41 -3.76 -0.45
CA GLY B 143 13.70 -4.00 -1.69
C GLY B 143 12.28 -4.50 -1.50
N TRP B 144 11.60 -4.76 -2.63
CA TRP B 144 10.22 -5.23 -2.62
C TRP B 144 10.11 -6.69 -3.04
N GLY B 145 11.18 -7.46 -2.81
CA GLY B 145 11.17 -8.86 -3.18
C GLY B 145 10.43 -9.75 -2.20
N ASN B 146 10.30 -11.03 -2.54
CA ASN B 146 9.60 -12.00 -1.69
C ASN B 146 10.01 -11.86 -0.23
N THR B 147 9.02 -11.85 0.66
CA THR B 147 9.31 -11.85 2.08
C THR B 147 9.18 -13.24 2.70
N LYS B 148 8.96 -14.26 1.88
CA LYS B 148 9.19 -15.66 2.27
C LYS B 148 10.21 -16.28 1.30
N SER B 149 10.86 -17.35 1.73
CA SER B 149 11.87 -17.98 0.87
C SER B 149 11.25 -18.61 -0.37
N SER B 150 10.00 -19.04 -0.26
CA SER B 150 9.27 -19.53 -1.41
C SER B 150 7.78 -19.27 -1.22
N GLY B 151 7.00 -19.47 -2.27
CA GLY B 151 5.58 -19.21 -2.18
C GLY B 151 5.28 -17.77 -2.47
N THR B 152 4.10 -17.31 -2.08
CA THR B 152 3.61 -16.00 -2.48
C THR B 152 3.62 -15.05 -1.29
N SER B 153 4.47 -14.03 -1.37
CA SER B 153 4.64 -13.08 -0.27
C SER B 153 5.35 -11.81 -0.75
N TYR B 154 4.83 -11.24 -1.84
CA TYR B 154 5.43 -10.05 -2.43
C TYR B 154 4.80 -8.81 -1.84
N PRO B 155 5.60 -7.97 -1.17
CA PRO B 155 5.06 -6.90 -0.31
C PRO B 155 4.52 -5.70 -1.08
N ASP B 156 3.69 -4.91 -0.40
CA ASP B 156 3.30 -3.58 -0.88
C ASP B 156 4.42 -2.58 -0.59
N VAL B 157 4.93 -2.59 0.64
CA VAL B 157 5.86 -1.56 1.09
C VAL B 157 7.29 -2.06 1.18
N LEU B 158 8.23 -1.12 1.21
CA LEU B 158 9.65 -1.45 1.15
C LEU B 158 10.09 -2.16 2.42
N LYS B 159 10.89 -3.22 2.26
CA LYS B 159 11.39 -3.97 3.41
C LYS B 159 12.92 -3.85 3.49
N CYS B 160 13.46 -4.04 4.70
CA CYS B 160 14.85 -3.72 5.00
C CYS B 160 15.45 -4.86 5.78
N LEU B 161 16.77 -5.01 5.66
CA LEU B 161 17.47 -6.05 6.39
C LEU B 161 18.87 -5.60 6.73
N LYS B 162 19.27 -5.78 7.98
CA LYS B 162 20.65 -5.55 8.35
C LYS B 162 21.41 -6.86 8.25
N ALA B 163 22.54 -6.85 7.55
CA ALA B 163 23.30 -8.07 7.31
C ALA B 163 24.78 -7.74 7.13
N PRO B 164 25.64 -8.65 7.58
CA PRO B 164 27.08 -8.45 7.47
C PRO B 164 27.68 -9.03 6.19
N ILE B 165 28.72 -8.38 5.68
CA ILE B 165 29.52 -8.95 4.60
C ILE B 165 30.24 -10.19 5.14
N LEU B 166 30.21 -11.27 4.38
CA LEU B 166 30.87 -12.51 4.77
C LEU B 166 32.26 -12.63 4.11
N SER B 167 33.16 -13.35 4.76
CA SER B 167 34.49 -13.56 4.22
C SER B 167 34.47 -14.23 2.84
N ASP B 168 35.49 -13.93 2.04
CA ASP B 168 35.59 -14.53 0.71
C ASP B 168 35.65 -16.04 0.84
N SER B 169 36.35 -16.54 1.86
CA SER B 169 36.50 -17.99 2.01
C SER B 169 35.18 -18.70 2.34
N SER B 170 34.38 -18.12 3.22
CA SER B 170 33.09 -18.73 3.54
C SER B 170 32.16 -18.63 2.33
N CYS B 171 32.27 -17.53 1.60
CA CYS B 171 31.49 -17.35 0.37
C CYS B 171 31.82 -18.46 -0.63
N LYS B 172 33.11 -18.66 -0.90
CA LYS B 172 33.54 -19.67 -1.85
C LYS B 172 33.22 -21.09 -1.37
N SER B 173 33.23 -21.29 -0.06
CA SER B 173 32.89 -22.60 0.51
CA SER B 173 32.90 -22.59 0.51
C SER B 173 31.41 -22.88 0.32
N ALA B 174 30.60 -21.83 0.42
CA ALA B 174 29.16 -21.97 0.27
C ALA B 174 28.76 -22.24 -1.19
N TYR B 175 29.53 -21.66 -2.11
CA TYR B 175 29.23 -21.73 -3.54
C TYR B 175 30.47 -22.15 -4.36
N PRO B 176 30.89 -23.41 -4.22
CA PRO B 176 32.13 -23.87 -4.84
C PRO B 176 32.15 -23.62 -6.34
N GLY B 177 33.21 -22.99 -6.83
CA GLY B 177 33.39 -22.73 -8.25
C GLY B 177 32.45 -21.71 -8.89
N GLN B 178 31.68 -20.99 -8.08
CA GLN B 178 30.71 -20.04 -8.61
C GLN B 178 30.96 -18.58 -8.25
N ILE B 179 31.96 -18.33 -7.39
CA ILE B 179 32.21 -16.98 -6.91
C ILE B 179 33.44 -16.36 -7.58
N THR B 180 33.25 -15.23 -8.27
CA THR B 180 34.35 -14.53 -8.90
C THR B 180 34.82 -13.36 -8.04
N SER B 181 35.87 -12.69 -8.47
CA SER B 181 36.38 -11.55 -7.71
C SER B 181 35.46 -10.34 -7.81
N ASN B 182 34.38 -10.44 -8.60
CA ASN B 182 33.42 -9.35 -8.70
C ASN B 182 32.15 -9.61 -7.90
N MET B 183 32.22 -10.61 -7.01
CA MET B 183 31.08 -10.98 -6.19
C MET B 183 31.47 -11.02 -4.71
N PHE B 184 30.48 -10.81 -3.84
CA PHE B 184 30.64 -11.07 -2.41
C PHE B 184 29.36 -11.61 -1.83
N CYS B 185 29.50 -12.34 -0.72
CA CYS B 185 28.35 -12.87 -0.01
C CYS B 185 28.04 -11.97 1.16
N ALA B 186 26.75 -11.83 1.46
CA ALA B 186 26.35 -11.14 2.69
C ALA B 186 25.12 -11.85 3.23
N GLY B 187 25.00 -11.84 4.54
CA GLY B 187 23.87 -12.52 5.17
C GLY B 187 24.28 -13.44 6.30
N TYR B 188 23.61 -14.58 6.40
CA TYR B 188 23.71 -15.45 7.57
C TYR B 188 23.81 -16.89 7.14
N LEU B 189 24.89 -17.56 7.52
CA LEU B 189 25.04 -18.96 7.15
C LEU B 189 23.97 -19.83 7.80
N GLU B 190 23.43 -19.40 8.93
CA GLU B 190 22.38 -20.15 9.60
C GLU B 190 21.04 -20.04 8.87
N GLY B 191 20.97 -19.20 7.84
CA GLY B 191 19.75 -19.02 7.08
C GLY B 191 18.77 -18.05 7.73
N GLY B 192 17.57 -17.94 7.14
CA GLY B 192 16.48 -17.18 7.73
C GLY B 192 16.38 -15.72 7.34
N LYS B 193 17.49 -15.12 6.93
CA LYS B 193 17.52 -13.69 6.56
C LYS B 193 18.28 -13.51 5.26
N ASP B 194 17.65 -12.91 4.27
CA ASP B 194 18.27 -12.85 2.94
C ASP B 194 17.47 -11.93 2.02
N SER B 195 18.05 -11.58 0.86
CA SER B 195 17.29 -10.96 -0.22
C SER B 195 16.66 -12.10 -1.02
N CYS B 196 15.66 -11.79 -1.84
CA CYS B 196 14.95 -12.83 -2.58
C CYS B 196 14.37 -12.29 -3.89
N GLN B 197 13.64 -13.11 -4.64
CA GLN B 197 13.15 -12.70 -5.96
C GLN B 197 12.37 -11.39 -5.90
N GLY B 198 12.77 -10.42 -6.70
CA GLY B 198 12.17 -9.09 -6.69
C GLY B 198 13.08 -8.05 -6.06
N ASP B 199 14.11 -8.52 -5.34
CA ASP B 199 15.10 -7.63 -4.75
C ASP B 199 16.28 -7.33 -5.68
N SER B 200 16.48 -8.16 -6.71
CA SER B 200 17.57 -7.99 -7.67
C SER B 200 17.77 -6.55 -8.12
N GLY B 201 19.02 -6.11 -8.18
CA GLY B 201 19.33 -4.78 -8.68
C GLY B 201 19.39 -3.74 -7.59
N GLY B 202 18.81 -4.06 -6.43
CA GLY B 202 18.74 -3.12 -5.32
C GLY B 202 20.01 -3.01 -4.51
N PRO B 203 20.01 -2.11 -3.52
CA PRO B 203 21.22 -1.69 -2.80
C PRO B 203 21.64 -2.57 -1.65
N VAL B 204 22.96 -2.68 -1.49
CA VAL B 204 23.58 -3.09 -0.24
C VAL B 204 24.43 -1.91 0.17
N VAL B 205 24.04 -1.25 1.25
CA VAL B 205 24.68 0.00 1.64
C VAL B 205 25.38 -0.19 2.98
N CYS B 206 26.65 0.20 3.03
CA CYS B 206 27.49 -0.03 4.21
C CYS B 206 28.17 1.29 4.58
N SER B 207 27.93 1.76 5.79
CA SER B 207 28.55 3.01 6.24
C SER B 207 28.30 4.14 5.24
N GLY B 208 27.09 4.20 4.71
CA GLY B 208 26.70 5.27 3.82
C GLY B 208 27.26 5.17 2.40
N LYS B 209 27.83 4.01 2.05
CA LYS B 209 28.32 3.81 0.68
C LYS B 209 27.65 2.61 0.02
N LEU B 210 27.34 2.74 -1.27
CA LEU B 210 26.80 1.63 -2.05
C LEU B 210 27.88 0.61 -2.38
N GLN B 211 27.93 -0.49 -1.62
CA GLN B 211 28.97 -1.49 -1.83
C GLN B 211 28.47 -2.68 -2.63
N GLY B 212 27.15 -2.88 -2.69
CA GLY B 212 26.66 -4.07 -3.34
C GLY B 212 25.38 -3.90 -4.16
N ILE B 213 25.18 -4.83 -5.08
CA ILE B 213 23.96 -4.92 -5.88
C ILE B 213 23.37 -6.33 -5.69
N VAL B 214 22.10 -6.42 -5.31
CA VAL B 214 21.46 -7.73 -5.17
C VAL B 214 21.58 -8.49 -6.48
N SER B 215 22.17 -9.67 -6.44
CA SER B 215 22.46 -10.42 -7.66
C SER B 215 21.77 -11.78 -7.74
N TRP B 216 22.25 -12.75 -6.95
CA TRP B 216 21.72 -14.10 -7.05
C TRP B 216 21.93 -14.91 -5.78
N GLY B 217 21.44 -16.13 -5.81
CA GLY B 217 21.68 -17.07 -4.73
C GLY B 217 21.09 -18.42 -5.10
N SER B 218 21.40 -19.44 -4.31
CA SER B 218 20.72 -20.72 -4.43
CA SER B 218 20.72 -20.72 -4.43
C SER B 218 19.59 -20.71 -3.41
N GLY B 219 18.37 -20.47 -3.90
CA GLY B 219 17.23 -20.24 -3.02
C GLY B 219 17.37 -18.91 -2.30
N CYS B 220 16.54 -18.72 -1.28
CA CYS B 220 16.60 -17.55 -0.40
C CYS B 220 16.62 -18.00 1.06
N ALA B 221 17.49 -17.39 1.85
CA ALA B 221 17.53 -17.59 3.30
C ALA B 221 17.76 -19.03 3.73
N GLN B 222 18.34 -19.86 2.87
CA GLN B 222 18.63 -21.23 3.22
C GLN B 222 19.97 -21.37 3.94
N LYS B 223 20.09 -22.40 4.78
CA LYS B 223 21.32 -22.62 5.51
C LYS B 223 22.51 -22.80 4.55
N ASN B 224 23.61 -22.10 4.84
CA ASN B 224 24.84 -22.22 4.04
C ASN B 224 24.72 -21.75 2.59
N LYS B 225 23.71 -20.93 2.31
CA LYS B 225 23.51 -20.38 0.99
C LYS B 225 23.13 -18.90 1.11
N PRO B 226 24.07 -18.07 1.55
CA PRO B 226 23.80 -16.64 1.72
C PRO B 226 23.64 -15.97 0.37
N GLY B 227 23.11 -14.74 0.36
CA GLY B 227 22.95 -14.02 -0.89
C GLY B 227 24.29 -13.66 -1.50
N VAL B 228 24.34 -13.63 -2.84
CA VAL B 228 25.52 -13.18 -3.55
C VAL B 228 25.23 -11.83 -4.20
N TYR B 229 26.21 -10.95 -4.17
CA TYR B 229 26.02 -9.54 -4.52
C TYR B 229 27.16 -9.08 -5.41
N THR B 230 26.85 -8.17 -6.33
CA THR B 230 27.88 -7.58 -7.18
C THR B 230 28.75 -6.61 -6.38
N LYS B 231 30.06 -6.69 -6.57
CA LYS B 231 31.01 -5.90 -5.79
C LYS B 231 31.22 -4.54 -6.44
N VAL B 232 30.43 -3.56 -6.01
CA VAL B 232 30.42 -2.24 -6.64
C VAL B 232 31.79 -1.55 -6.62
N CYS B 233 32.58 -1.78 -5.59
CA CYS B 233 33.87 -1.08 -5.50
C CYS B 233 34.82 -1.42 -6.66
N ASN B 234 34.55 -2.51 -7.38
CA ASN B 234 35.38 -2.86 -8.54
C ASN B 234 35.07 -2.01 -9.77
N TYR B 235 34.00 -1.22 -9.70
CA TYR B 235 33.48 -0.58 -10.91
C TYR B 235 33.37 0.93 -10.87
N VAL B 236 33.88 1.56 -9.81
CA VAL B 236 33.75 3.00 -9.65
CA VAL B 236 33.73 3.01 -9.66
C VAL B 236 34.33 3.78 -10.84
N SER B 237 35.50 3.36 -11.31
CA SER B 237 36.10 4.02 -12.45
C SER B 237 35.23 3.86 -13.71
N TRP B 238 34.72 2.66 -13.95
CA TRP B 238 33.83 2.41 -15.10
C TRP B 238 32.53 3.22 -14.98
N ILE B 239 31.97 3.27 -13.78
CA ILE B 239 30.76 4.07 -13.59
C ILE B 239 31.00 5.54 -13.94
N LYS B 240 32.09 6.11 -13.42
CA LYS B 240 32.41 7.51 -13.72
C LYS B 240 32.63 7.74 -15.21
N GLN B 241 33.39 6.86 -15.86
CA GLN B 241 33.64 6.97 -17.30
C GLN B 241 32.32 6.96 -18.08
N THR B 242 31.41 6.06 -17.68
CA THR B 242 30.13 5.94 -18.37
C THR B 242 29.27 7.19 -18.22
N ILE B 243 29.22 7.73 -17.02
CA ILE B 243 28.43 8.94 -16.75
C ILE B 243 28.93 10.11 -17.59
N ALA B 244 30.26 10.21 -17.71
CA ALA B 244 30.88 11.34 -18.40
C ALA B 244 30.78 11.24 -19.91
N SER B 245 30.46 10.04 -20.41
CA SER B 245 30.47 9.75 -21.84
C SER B 245 29.09 9.54 -22.44
N ASN B 246 28.06 9.56 -21.60
CA ASN B 246 26.70 9.26 -22.05
C ASN B 246 25.65 10.18 -21.43
N ILE C 24 -6.46 15.35 -6.17
CA ILE C 24 -5.26 15.55 -6.98
C ILE C 24 -4.12 14.72 -6.40
N VAL C 25 -3.56 13.82 -7.22
CA VAL C 25 -2.43 12.98 -6.80
C VAL C 25 -1.15 13.56 -7.39
N GLY C 26 -0.13 13.73 -6.56
CA GLY C 26 1.16 14.22 -7.03
C GLY C 26 1.17 15.71 -7.33
N GLY C 27 0.23 16.44 -6.74
CA GLY C 27 0.13 17.88 -6.96
C GLY C 27 0.73 18.68 -5.81
N TYR C 28 0.29 19.93 -5.65
CA TYR C 28 0.83 20.78 -4.61
C TYR C 28 -0.28 21.57 -3.94
N THR C 29 -0.02 22.06 -2.73
CA THR C 29 -0.97 22.93 -2.05
C THR C 29 -1.10 24.28 -2.78
N CYS C 30 -2.31 24.60 -3.24
CA CYS C 30 -2.51 25.78 -4.07
C CYS C 30 -2.10 27.06 -3.33
N GLY C 31 -2.53 27.15 -2.09
CA GLY C 31 -2.51 28.40 -1.35
C GLY C 31 -3.93 28.93 -1.23
N ALA C 32 -4.28 29.46 -0.06
CA ALA C 32 -5.66 29.89 0.20
C ALA C 32 -6.18 30.87 -0.82
N ASN C 33 -7.29 30.51 -1.45
CA ASN C 33 -8.01 31.38 -2.38
C ASN C 33 -7.19 31.83 -3.59
N THR C 34 -6.20 31.04 -3.99
CA THR C 34 -5.38 31.36 -5.16
C THR C 34 -6.07 30.89 -6.45
N VAL C 35 -7.15 30.15 -6.30
CA VAL C 35 -7.95 29.66 -7.42
C VAL C 35 -9.37 30.10 -7.13
N PRO C 36 -9.66 31.40 -7.33
CA PRO C 36 -10.90 31.99 -6.82
C PRO C 36 -12.18 31.55 -7.53
N TYR C 37 -12.05 30.86 -8.66
CA TYR C 37 -13.21 30.33 -9.39
C TYR C 37 -13.57 28.90 -8.99
N GLN C 38 -12.71 28.27 -8.20
CA GLN C 38 -12.94 26.88 -7.74
C GLN C 38 -14.02 26.84 -6.67
N VAL C 39 -15.06 26.04 -6.88
CA VAL C 39 -16.06 25.85 -5.84
C VAL C 39 -16.13 24.39 -5.40
N SER C 40 -16.72 24.17 -4.24
CA SER C 40 -16.99 22.83 -3.73
C SER C 40 -18.50 22.58 -3.75
N LEU C 41 -18.90 21.40 -4.21
CA LEU C 41 -20.31 21.03 -4.18
C LEU C 41 -20.48 20.12 -2.98
N ASN C 42 -21.42 20.46 -2.12
CA ASN C 42 -21.56 19.80 -0.82
C ASN C 42 -22.98 19.32 -0.64
N SER C 43 -23.12 18.04 -0.27
CA SER C 43 -24.44 17.47 -0.04
CA SER C 43 -24.41 17.41 -0.07
C SER C 43 -24.47 16.81 1.34
N GLY C 44 -23.74 17.39 2.27
CA GLY C 44 -23.54 16.81 3.59
C GLY C 44 -22.06 16.56 3.76
N TYR C 45 -21.38 16.39 2.62
CA TYR C 45 -19.92 16.37 2.57
C TYR C 45 -19.50 16.76 1.15
N HIS C 46 -18.28 17.27 1.01
CA HIS C 46 -17.74 17.57 -0.31
C HIS C 46 -17.72 16.32 -1.19
N PHE C 47 -18.22 16.44 -2.42
CA PHE C 47 -18.22 15.28 -3.31
C PHE C 47 -17.74 15.57 -4.74
N CYS C 48 -17.81 16.84 -5.15
CA CYS C 48 -17.41 17.27 -6.50
C CYS C 48 -16.94 18.71 -6.47
N GLY C 49 -16.16 19.12 -7.47
CA GLY C 49 -15.82 20.53 -7.64
C GLY C 49 -16.68 21.19 -8.69
N GLY C 50 -16.41 22.46 -8.95
CA GLY C 50 -17.10 23.18 -10.00
C GLY C 50 -16.36 24.47 -10.25
N SER C 51 -16.78 25.22 -11.26
CA SER C 51 -16.11 26.47 -11.62
C SER C 51 -17.12 27.59 -11.76
N LEU C 52 -16.87 28.72 -11.09
CA LEU C 52 -17.78 29.86 -11.15
C LEU C 52 -17.56 30.61 -12.46
N ILE C 53 -18.60 30.76 -13.27
CA ILE C 53 -18.44 31.44 -14.56
C ILE C 53 -19.12 32.81 -14.65
N ASN C 54 -20.07 33.05 -13.75
CA ASN C 54 -20.57 34.40 -13.48
C ASN C 54 -21.19 34.41 -12.08
N SER C 55 -21.78 35.53 -11.66
CA SER C 55 -22.21 35.63 -10.26
C SER C 55 -23.31 34.64 -9.91
N GLN C 56 -24.00 34.11 -10.92
CA GLN C 56 -25.15 33.25 -10.67
C GLN C 56 -24.99 31.80 -11.13
N TRP C 57 -23.90 31.50 -11.82
CA TRP C 57 -23.78 30.20 -12.49
C TRP C 57 -22.44 29.50 -12.30
N VAL C 58 -22.51 28.19 -12.09
CA VAL C 58 -21.34 27.33 -11.91
C VAL C 58 -21.35 26.22 -12.96
N VAL C 59 -20.19 25.89 -13.53
CA VAL C 59 -20.08 24.76 -14.44
C VAL C 59 -19.50 23.56 -13.68
N SER C 60 -20.12 22.40 -13.82
CA SER C 60 -19.60 21.18 -13.20
C SER C 60 -19.81 20.01 -14.16
N ALA C 61 -19.64 18.78 -13.69
CA ALA C 61 -19.88 17.60 -14.52
C ALA C 61 -21.32 17.13 -14.35
N ALA C 62 -21.90 16.57 -15.40
CA ALA C 62 -23.25 16.04 -15.31
C ALA C 62 -23.39 14.92 -14.28
N HIS C 63 -22.36 14.08 -14.15
CA HIS C 63 -22.43 12.99 -13.19
C HIS C 63 -22.37 13.48 -11.72
N CYS C 64 -22.10 14.77 -11.53
CA CYS C 64 -22.14 15.39 -10.20
C CYS C 64 -23.54 15.83 -9.77
N TYR C 65 -24.55 15.54 -10.59
CA TYR C 65 -25.91 15.95 -10.24
C TYR C 65 -26.40 15.30 -8.93
N LYS C 66 -26.93 16.13 -8.05
CA LYS C 66 -27.72 15.70 -6.89
C LYS C 66 -28.79 16.75 -6.64
N SER C 67 -29.93 16.37 -6.07
CA SER C 67 -30.87 17.38 -5.61
C SER C 67 -30.35 17.97 -4.30
N GLY C 68 -30.58 19.25 -4.08
CA GLY C 68 -30.19 19.88 -2.83
C GLY C 68 -28.70 20.07 -2.62
N ILE C 69 -28.00 20.48 -3.68
CA ILE C 69 -26.59 20.79 -3.59
C ILE C 69 -26.39 22.16 -2.93
N GLN C 70 -25.41 22.23 -2.03
CA GLN C 70 -24.96 23.53 -1.53
C GLN C 70 -23.62 23.85 -2.16
N VAL C 71 -23.53 25.00 -2.81
CA VAL C 71 -22.27 25.41 -3.43
C VAL C 71 -21.44 26.20 -2.42
N ARG C 72 -20.19 25.79 -2.22
CA ARG C 72 -19.32 26.51 -1.29
C ARG C 72 -18.20 27.26 -2.01
N LEU C 73 -18.25 28.59 -1.95
CA LEU C 73 -17.30 29.43 -2.66
C LEU C 73 -16.33 30.04 -1.63
N GLY C 74 -15.18 30.51 -2.08
CA GLY C 74 -14.19 31.09 -1.18
C GLY C 74 -13.55 30.10 -0.22
N GLU C 75 -13.63 28.82 -0.55
CA GLU C 75 -13.11 27.76 0.33
C GLU C 75 -11.60 27.53 0.14
N ASP C 76 -10.90 27.25 1.24
CA ASP C 76 -9.59 26.61 1.14
C ASP C 76 -9.63 25.30 1.93
N ASN C 77 -9.56 25.41 3.26
CA ASN C 77 -9.73 24.26 4.13
C ASN C 77 -11.21 23.94 4.26
N ILE C 78 -11.70 22.89 3.59
CA ILE C 78 -13.14 22.68 3.56
C ILE C 78 -13.70 22.17 4.88
N ASN C 79 -12.82 21.96 5.85
CA ASN C 79 -13.23 21.44 7.15
C ASN C 79 -13.13 22.45 8.28
N VAL C 80 -12.74 23.68 7.94
CA VAL C 80 -12.58 24.72 8.94
C VAL C 80 -13.12 26.05 8.43
N VAL C 81 -14.03 26.65 9.19
CA VAL C 81 -14.49 27.99 8.87
C VAL C 81 -13.34 29.00 8.99
N GLU C 82 -12.89 29.52 7.86
CA GLU C 82 -11.74 30.40 7.85
C GLU C 82 -12.09 31.86 7.62
N GLY C 83 -13.31 32.12 7.13
CA GLY C 83 -13.82 33.49 7.08
C GLY C 83 -14.16 34.10 5.74
N ASN C 84 -13.74 33.47 4.64
CA ASN C 84 -13.99 34.03 3.30
C ASN C 84 -15.02 33.24 2.50
N GLU C 85 -15.66 32.26 3.16
CA GLU C 85 -16.59 31.38 2.48
C GLU C 85 -17.95 32.01 2.22
N GLN C 86 -18.58 31.57 1.14
CA GLN C 86 -19.98 31.86 0.89
C GLN C 86 -20.66 30.53 0.63
N PHE C 87 -21.72 30.26 1.39
CA PHE C 87 -22.51 29.06 1.19
C PHE C 87 -23.80 29.48 0.49
N ILE C 88 -24.03 28.95 -0.71
CA ILE C 88 -25.22 29.30 -1.49
C ILE C 88 -25.85 28.05 -2.08
N SER C 89 -27.14 27.83 -1.80
CA SER C 89 -27.82 26.65 -2.33
C SER C 89 -28.01 26.75 -3.84
N ALA C 90 -27.89 25.60 -4.51
CA ALA C 90 -28.25 25.52 -5.92
C ALA C 90 -29.76 25.66 -6.03
N SER C 91 -30.22 26.48 -6.97
CA SER C 91 -31.65 26.63 -7.19
C SER C 91 -32.13 25.89 -8.43
N LYS C 92 -31.24 25.71 -9.40
CA LYS C 92 -31.54 24.97 -10.63
C LYS C 92 -30.33 24.17 -11.04
N SER C 93 -30.54 23.05 -11.73
CA SER C 93 -29.45 22.27 -12.32
C SER C 93 -29.86 21.83 -13.72
N ILE C 94 -29.01 22.12 -14.69
CA ILE C 94 -29.33 21.73 -16.05
C ILE C 94 -28.20 20.85 -16.60
N VAL C 95 -28.48 19.55 -16.64
CA VAL C 95 -27.59 18.55 -17.20
C VAL C 95 -27.63 18.65 -18.73
N HIS C 96 -26.49 18.49 -19.39
CA HIS C 96 -26.50 18.60 -20.86
C HIS C 96 -27.57 17.66 -21.43
N PRO C 97 -28.35 18.13 -22.43
CA PRO C 97 -29.46 17.32 -22.94
C PRO C 97 -29.06 16.06 -23.68
N SER C 98 -27.76 15.90 -24.00
CA SER C 98 -27.32 14.67 -24.63
C SER C 98 -26.37 13.86 -23.76
N TYR C 99 -26.32 14.21 -22.47
CA TYR C 99 -25.50 13.49 -21.50
C TYR C 99 -25.79 12.00 -21.56
N ASN C 100 -24.72 11.20 -21.61
CA ASN C 100 -24.78 9.75 -21.62
C ASN C 100 -24.09 9.24 -20.36
N SER C 101 -24.85 8.59 -19.47
CA SER C 101 -24.32 8.23 -18.15
C SER C 101 -23.44 6.97 -18.15
N ASN C 102 -23.46 6.23 -19.26
CA ASN C 102 -22.59 5.07 -19.43
C ASN C 102 -21.20 5.43 -19.97
N THR C 103 -21.17 6.27 -21.01
CA THR C 103 -19.91 6.64 -21.65
C THR C 103 -19.37 7.96 -21.13
N LEU C 104 -20.23 8.72 -20.45
CA LEU C 104 -19.92 10.07 -19.98
C LEU C 104 -19.72 11.08 -21.11
N ASN C 105 -20.23 10.76 -22.30
CA ASN C 105 -20.28 11.76 -23.38
C ASN C 105 -21.17 12.94 -22.93
N ASN C 106 -20.73 14.15 -23.22
CA ASN C 106 -21.45 15.37 -22.80
C ASN C 106 -21.60 15.48 -21.28
N ASP C 107 -20.51 15.22 -20.57
CA ASP C 107 -20.52 15.23 -19.10
C ASP C 107 -20.32 16.67 -18.61
N ILE C 108 -21.38 17.47 -18.73
CA ILE C 108 -21.34 18.85 -18.30
C ILE C 108 -22.71 19.24 -17.76
N MET C 109 -22.72 20.14 -16.78
CA MET C 109 -23.94 20.55 -16.10
C MET C 109 -23.77 21.99 -15.65
N LEU C 110 -24.83 22.79 -15.80
CA LEU C 110 -24.84 24.15 -15.25
C LEU C 110 -25.64 24.18 -13.95
N ILE C 111 -25.08 24.81 -12.92
CA ILE C 111 -25.75 24.94 -11.64
C ILE C 111 -26.02 26.42 -11.37
N LYS C 112 -27.29 26.74 -11.14
CA LYS C 112 -27.69 28.12 -10.84
C LYS C 112 -27.73 28.37 -9.33
N LEU C 113 -27.08 29.44 -8.90
CA LEU C 113 -27.05 29.79 -7.49
C LEU C 113 -28.35 30.50 -7.11
N LYS C 114 -28.86 30.22 -5.91
CA LYS C 114 -30.12 30.79 -5.45
C LYS C 114 -30.03 32.30 -5.27
N SER C 115 -28.88 32.77 -4.80
CA SER C 115 -28.59 34.19 -4.77
C SER C 115 -27.25 34.43 -5.46
N ALA C 116 -27.06 35.61 -6.03
CA ALA C 116 -25.80 35.92 -6.71
C ALA C 116 -24.66 35.93 -5.70
N ALA C 117 -23.55 35.32 -6.07
CA ALA C 117 -22.38 35.34 -5.20
C ALA C 117 -21.82 36.76 -5.14
N SER C 118 -21.21 37.13 -4.02
CA SER C 118 -20.53 38.41 -3.94
C SER C 118 -19.12 38.27 -4.50
N LEU C 119 -18.86 38.89 -5.65
CA LEU C 119 -17.55 38.75 -6.27
C LEU C 119 -16.50 39.63 -5.59
N ASN C 120 -15.34 39.04 -5.33
CA ASN C 120 -14.22 39.75 -4.71
C ASN C 120 -12.92 39.07 -5.12
N SER C 121 -11.81 39.42 -4.48
CA SER C 121 -10.52 38.86 -4.89
C SER C 121 -10.46 37.35 -4.66
N ARG C 122 -11.24 36.86 -3.70
CA ARG C 122 -11.20 35.45 -3.33
C ARG C 122 -12.33 34.62 -3.94
N VAL C 123 -13.27 35.31 -4.57
CA VAL C 123 -14.38 34.66 -5.24
C VAL C 123 -14.58 35.36 -6.57
N ALA C 124 -14.17 34.70 -7.64
CA ALA C 124 -14.14 35.32 -8.96
C ALA C 124 -14.47 34.33 -10.03
N SER C 125 -15.01 34.83 -11.12
CA SER C 125 -15.40 33.98 -12.23
CA SER C 125 -15.41 34.01 -12.26
C SER C 125 -14.21 33.68 -13.13
N ILE C 126 -14.32 32.61 -13.90
CA ILE C 126 -13.28 32.23 -14.87
C ILE C 126 -13.90 32.35 -16.26
N SER C 127 -13.15 32.89 -17.22
CA SER C 127 -13.65 33.09 -18.57
CA SER C 127 -13.66 33.09 -18.57
C SER C 127 -13.90 31.78 -19.31
N LEU C 128 -14.97 31.73 -20.10
CA LEU C 128 -15.19 30.62 -21.02
C LEU C 128 -14.20 30.80 -22.17
N PRO C 129 -13.85 29.72 -22.87
CA PRO C 129 -12.88 29.88 -23.94
C PRO C 129 -13.51 30.46 -25.20
N THR C 130 -12.73 31.19 -25.99
CA THR C 130 -13.19 31.57 -27.31
C THR C 130 -12.83 30.50 -28.33
N SER C 131 -11.72 29.83 -28.10
CA SER C 131 -11.29 28.72 -28.95
C SER C 131 -10.67 27.61 -28.11
N CYS C 132 -10.62 26.41 -28.67
CA CYS C 132 -10.10 25.24 -27.98
C CYS C 132 -8.60 25.37 -27.72
N ALA C 133 -8.10 24.58 -26.77
CA ALA C 133 -6.67 24.58 -26.49
C ALA C 133 -5.97 23.45 -27.25
N SER C 134 -4.80 23.72 -27.79
CA SER C 134 -4.11 22.71 -28.59
C SER C 134 -3.29 21.77 -27.71
N ALA C 135 -2.94 20.61 -28.27
CA ALA C 135 -2.11 19.65 -27.56
C ALA C 135 -0.78 20.30 -27.14
N GLY C 136 -0.40 20.12 -25.87
CA GLY C 136 0.87 20.63 -25.38
C GLY C 136 0.72 21.89 -24.54
N THR C 137 -0.44 22.52 -24.63
CA THR C 137 -0.77 23.69 -23.82
C THR C 137 -0.78 23.30 -22.34
N GLN C 138 -0.14 24.11 -21.51
CA GLN C 138 -0.10 23.86 -20.06
C GLN C 138 -1.37 24.36 -19.39
N CYS C 139 -1.88 23.59 -18.45
CA CYS C 139 -3.10 23.99 -17.77
C CYS C 139 -2.96 23.79 -16.26
N LEU C 140 -3.91 24.35 -15.50
CA LEU C 140 -3.96 24.15 -14.07
C LEU C 140 -5.22 23.36 -13.70
N ILE C 141 -5.05 22.27 -12.97
CA ILE C 141 -6.17 21.43 -12.56
C ILE C 141 -6.20 21.48 -11.04
N SER C 142 -7.38 21.61 -10.45
CA SER C 142 -7.45 21.77 -8.99
C SER C 142 -8.65 21.06 -8.39
N GLY C 143 -8.57 20.74 -7.10
CA GLY C 143 -9.68 20.10 -6.43
C GLY C 143 -9.34 19.59 -5.06
N TRP C 144 -10.36 19.10 -4.36
CA TRP C 144 -10.20 18.51 -3.04
C TRP C 144 -10.31 16.99 -3.12
N GLY C 145 -9.99 16.42 -4.28
CA GLY C 145 -10.04 14.97 -4.46
C GLY C 145 -8.92 14.23 -3.76
N ASN C 146 -8.96 12.91 -3.83
CA ASN C 146 -7.96 12.02 -3.22
C ASN C 146 -6.54 12.39 -3.61
N THR C 147 -5.63 12.39 -2.64
CA THR C 147 -4.22 12.67 -2.91
C THR C 147 -3.39 11.39 -3.08
N LYS C 148 -4.06 10.24 -2.95
CA LYS C 148 -3.47 8.96 -3.34
C LYS C 148 -4.42 8.29 -4.32
N SER C 149 -3.90 7.33 -5.10
CA SER C 149 -4.72 6.71 -6.13
C SER C 149 -5.86 5.89 -5.53
N SER C 150 -5.66 5.40 -4.30
CA SER C 150 -6.69 4.64 -3.62
C SER C 150 -6.51 4.73 -2.12
N GLY C 151 -7.50 4.27 -1.38
CA GLY C 151 -7.47 4.44 0.07
C GLY C 151 -8.05 5.78 0.42
N THR C 152 -8.09 6.08 1.71
CA THR C 152 -8.69 7.32 2.17
C THR C 152 -7.62 8.39 2.34
N SER C 153 -7.56 9.33 1.41
CA SER C 153 -6.54 10.37 1.45
C SER C 153 -7.10 11.70 0.92
N TYR C 154 -8.27 12.08 1.42
CA TYR C 154 -8.88 13.35 1.03
C TYR C 154 -8.35 14.48 1.88
N PRO C 155 -7.87 15.55 1.23
CA PRO C 155 -7.18 16.66 1.86
C PRO C 155 -8.15 17.65 2.48
N ASP C 156 -7.67 18.43 3.44
CA ASP C 156 -8.42 19.54 3.97
C ASP C 156 -8.35 20.72 3.01
N VAL C 157 -7.16 21.02 2.50
CA VAL C 157 -6.98 22.22 1.69
C VAL C 157 -6.90 21.92 0.20
N LEU C 158 -7.13 22.96 -0.61
CA LEU C 158 -7.23 22.81 -2.05
C LEU C 158 -5.88 22.46 -2.69
N LYS C 159 -5.89 21.46 -3.57
CA LYS C 159 -4.68 21.02 -4.26
C LYS C 159 -4.71 21.40 -5.73
N CYS C 160 -3.51 21.53 -6.30
CA CYS C 160 -3.32 22.03 -7.64
C CYS C 160 -2.35 21.13 -8.39
N LEU C 161 -2.51 21.07 -9.71
CA LEU C 161 -1.64 20.27 -10.56
C LEU C 161 -1.46 20.98 -11.90
N LYS C 162 -0.22 21.25 -12.28
CA LYS C 162 0.03 21.75 -13.62
C LYS C 162 0.17 20.56 -14.58
N ALA C 163 -0.56 20.61 -15.69
CA ALA C 163 -0.63 19.47 -16.59
C ALA C 163 -0.94 19.92 -18.00
N PRO C 164 -0.28 19.30 -19.00
CA PRO C 164 -0.51 19.68 -20.40
C PRO C 164 -1.65 18.91 -21.05
N ILE C 165 -2.29 19.53 -22.03
CA ILE C 165 -3.22 18.83 -22.91
C ILE C 165 -2.46 17.79 -23.71
N LEU C 166 -3.00 16.59 -23.82
CA LEU C 166 -2.33 15.52 -24.57
C LEU C 166 -2.97 15.37 -25.95
N SER C 167 -2.22 14.83 -26.90
CA SER C 167 -2.75 14.69 -28.26
C SER C 167 -3.96 13.76 -28.29
N ASP C 168 -4.83 13.95 -29.28
CA ASP C 168 -5.98 13.07 -29.45
C ASP C 168 -5.53 11.64 -29.76
N SER C 169 -4.51 11.50 -30.59
CA SER C 169 -4.01 10.16 -30.90
C SER C 169 -3.50 9.45 -29.64
N SER C 170 -2.80 10.17 -28.77
CA SER C 170 -2.33 9.61 -27.50
C SER C 170 -3.50 9.22 -26.62
N CYS C 171 -4.48 10.11 -26.54
CA CYS C 171 -5.66 9.90 -25.72
C CYS C 171 -6.42 8.66 -26.18
N LYS C 172 -6.66 8.56 -27.48
CA LYS C 172 -7.39 7.41 -28.02
C LYS C 172 -6.63 6.11 -27.89
N SER C 173 -5.30 6.17 -28.02
CA SER C 173 -4.47 4.99 -27.83
CA SER C 173 -4.45 5.00 -27.83
C SER C 173 -4.52 4.52 -26.39
N ALA C 174 -4.60 5.45 -25.45
CA ALA C 174 -4.66 5.10 -24.04
C ALA C 174 -6.01 4.51 -23.66
N TYR C 175 -7.05 4.94 -24.36
CA TYR C 175 -8.42 4.55 -24.05
C TYR C 175 -9.16 4.11 -25.32
N PRO C 176 -8.74 2.99 -25.90
CA PRO C 176 -9.35 2.57 -27.18
C PRO C 176 -10.86 2.46 -27.11
N GLY C 177 -11.55 3.11 -28.05
CA GLY C 177 -12.99 3.02 -28.15
C GLY C 177 -13.80 3.76 -27.08
N GLN C 178 -13.14 4.60 -26.28
CA GLN C 178 -13.84 5.26 -25.16
C GLN C 178 -13.79 6.79 -25.20
N ILE C 179 -13.03 7.36 -26.13
CA ILE C 179 -12.87 8.81 -26.19
C ILE C 179 -13.70 9.38 -27.32
N THR C 180 -14.67 10.24 -26.98
CA THR C 180 -15.48 10.92 -27.98
C THR C 180 -14.88 12.27 -28.33
N SER C 181 -15.47 12.92 -29.33
CA SER C 181 -15.04 14.26 -29.72
C SER C 181 -15.29 15.30 -28.63
N ASN C 182 -16.03 14.93 -27.58
CA ASN C 182 -16.32 15.85 -26.47
C ASN C 182 -15.43 15.63 -25.25
N MET C 183 -14.36 14.87 -25.43
CA MET C 183 -13.43 14.56 -24.35
C MET C 183 -11.98 14.84 -24.76
N PHE C 184 -11.12 15.13 -23.79
CA PHE C 184 -9.69 15.17 -24.05
C PHE C 184 -8.91 14.64 -22.86
N CYS C 185 -7.67 14.22 -23.12
CA CYS C 185 -6.80 13.76 -22.07
C CYS C 185 -5.84 14.87 -21.70
N ALA C 186 -5.52 14.96 -20.41
CA ALA C 186 -4.52 15.90 -19.94
C ALA C 186 -3.76 15.23 -18.82
N GLY C 187 -2.49 15.58 -18.67
CA GLY C 187 -1.66 14.95 -17.65
C GLY C 187 -0.39 14.37 -18.23
N TYR C 188 -0.04 13.19 -17.73
CA TYR C 188 1.27 12.60 -17.99
C TYR C 188 1.15 11.12 -18.34
N LEU C 189 1.60 10.76 -19.53
CA LEU C 189 1.53 9.36 -19.95
C LEU C 189 2.42 8.46 -19.09
N GLU C 190 3.44 9.03 -18.46
CA GLU C 190 4.24 8.27 -17.50
C GLU C 190 3.40 7.85 -16.29
N GLY C 191 2.37 8.62 -15.98
CA GLY C 191 1.60 8.41 -14.77
C GLY C 191 2.17 9.21 -13.61
N GLY C 192 1.66 8.99 -12.41
CA GLY C 192 2.24 9.59 -11.22
C GLY C 192 1.55 10.84 -10.70
N LYS C 193 0.97 11.61 -11.61
CA LYS C 193 0.26 12.85 -11.26
C LYS C 193 -1.04 12.89 -12.04
N ASP C 194 -2.15 13.24 -11.38
CA ASP C 194 -3.45 13.11 -12.05
C ASP C 194 -4.53 13.66 -11.13
N SER C 195 -5.72 13.86 -11.67
CA SER C 195 -6.89 14.15 -10.83
C SER C 195 -7.43 12.82 -10.33
N CYS C 196 -8.28 12.84 -9.32
CA CYS C 196 -8.75 11.59 -8.74
C CYS C 196 -10.12 11.79 -8.09
N GLN C 197 -10.65 10.74 -7.46
CA GLN C 197 -12.00 10.78 -6.89
C GLN C 197 -12.17 11.98 -5.96
N GLY C 198 -13.22 12.76 -6.19
CA GLY C 198 -13.42 13.97 -5.41
C GLY C 198 -13.04 15.21 -6.18
N ASP C 199 -12.32 15.06 -7.30
CA ASP C 199 -12.00 16.20 -8.17
C ASP C 199 -13.03 16.42 -9.28
N SER C 200 -13.82 15.40 -9.57
CA SER C 200 -14.87 15.50 -10.60
C SER C 200 -15.59 16.84 -10.58
N GLY C 201 -15.88 17.37 -11.77
CA GLY C 201 -16.65 18.59 -11.90
C GLY C 201 -15.79 19.84 -11.85
N GLY C 202 -14.55 19.70 -11.37
CA GLY C 202 -13.65 20.82 -11.20
C GLY C 202 -12.99 21.29 -12.49
N PRO C 203 -12.22 22.39 -12.41
CA PRO C 203 -11.69 23.08 -13.60
C PRO C 203 -10.36 22.55 -14.11
N VAL C 204 -10.23 22.60 -15.44
CA VAL C 204 -8.96 22.59 -16.13
C VAL C 204 -8.85 23.94 -16.82
N VAL C 205 -7.95 24.79 -16.34
CA VAL C 205 -7.84 26.15 -16.86
C VAL C 205 -6.51 26.34 -17.59
N CYS C 206 -6.58 26.86 -18.80
CA CYS C 206 -5.40 27.03 -19.64
C CYS C 206 -5.33 28.47 -20.12
N SER C 207 -4.28 29.18 -19.73
CA SER C 207 -4.11 30.58 -20.14
C SER C 207 -5.35 31.40 -19.85
N GLY C 208 -5.90 31.19 -18.66
CA GLY C 208 -7.02 31.97 -18.18
C GLY C 208 -8.37 31.59 -18.75
N LYS C 209 -8.46 30.46 -19.44
CA LYS C 209 -9.73 30.01 -20.02
C LYS C 209 -10.12 28.65 -19.43
N LEU C 210 -11.39 28.49 -19.08
CA LEU C 210 -11.88 27.18 -18.63
C LEU C 210 -12.01 26.26 -19.85
N GLN C 211 -11.10 25.30 -19.99
CA GLN C 211 -11.12 24.42 -21.15
C GLN C 211 -11.61 23.02 -20.80
N GLY C 212 -11.54 22.65 -19.53
CA GLY C 212 -11.85 21.29 -19.15
C GLY C 212 -12.66 21.15 -17.88
N ILE C 213 -13.41 20.05 -17.78
CA ILE C 213 -14.08 19.65 -16.56
C ILE C 213 -13.59 18.26 -16.16
N VAL C 214 -13.13 18.09 -14.92
CA VAL C 214 -12.65 16.79 -14.48
C VAL C 214 -13.79 15.78 -14.65
N SER C 215 -13.55 14.72 -15.41
CA SER C 215 -14.64 13.78 -15.72
C SER C 215 -14.37 12.35 -15.26
N TRP C 216 -13.42 11.68 -15.89
CA TRP C 216 -13.19 10.28 -15.54
C TRP C 216 -11.78 9.79 -15.85
N GLY C 217 -11.50 8.55 -15.47
CA GLY C 217 -10.26 7.90 -15.87
C GLY C 217 -10.28 6.45 -15.47
N SER C 218 -9.30 5.68 -15.94
CA SER C 218 -9.12 4.33 -15.47
CA SER C 218 -9.12 4.32 -15.47
C SER C 218 -8.11 4.38 -14.34
N GLY C 219 -8.62 4.38 -13.11
CA GLY C 219 -7.79 4.62 -11.95
C GLY C 219 -7.33 6.06 -11.94
N CYS C 220 -6.31 6.35 -11.14
CA CYS C 220 -5.73 7.68 -11.06
C CYS C 220 -4.20 7.55 -11.13
N ALA C 221 -3.56 8.37 -11.96
CA ALA C 221 -2.10 8.45 -11.96
C ALA C 221 -1.43 7.17 -12.45
N GLN C 222 -2.16 6.34 -13.17
CA GLN C 222 -1.57 5.11 -13.70
C GLN C 222 -0.86 5.40 -15.03
N LYS C 223 0.21 4.65 -15.30
CA LYS C 223 0.93 4.77 -16.57
C LYS C 223 0.00 4.56 -17.74
N ASN C 224 0.11 5.43 -18.74
CA ASN C 224 -0.69 5.34 -19.97
C ASN C 224 -2.19 5.41 -19.74
N LYS C 225 -2.60 5.99 -18.61
CA LYS C 225 -4.01 6.21 -18.29
C LYS C 225 -4.22 7.62 -17.74
N PRO C 226 -4.03 8.64 -18.59
CA PRO C 226 -4.16 10.03 -18.14
C PRO C 226 -5.63 10.34 -17.83
N GLY C 227 -5.87 11.40 -17.07
CA GLY C 227 -7.25 11.80 -16.80
C GLY C 227 -7.96 12.18 -18.08
N VAL C 228 -9.28 11.94 -18.10
CA VAL C 228 -10.10 12.35 -19.22
C VAL C 228 -11.03 13.48 -18.78
N TYR C 229 -11.21 14.47 -19.65
CA TYR C 229 -11.88 15.71 -19.28
C TYR C 229 -12.91 16.13 -20.30
N THR C 230 -13.98 16.77 -19.85
CA THR C 230 -15.00 17.26 -20.77
C THR C 230 -14.47 18.48 -21.52
N LYS C 231 -14.68 18.51 -22.83
CA LYS C 231 -14.11 19.56 -23.67
C LYS C 231 -15.01 20.77 -23.70
N VAL C 232 -14.76 21.71 -22.79
CA VAL C 232 -15.64 22.87 -22.60
C VAL C 232 -15.81 23.73 -23.85
N CYS C 233 -14.79 23.77 -24.70
CA CYS C 233 -14.89 24.62 -25.89
C CYS C 233 -15.95 24.14 -26.88
N ASN C 234 -16.45 22.92 -26.70
CA ASN C 234 -17.55 22.42 -27.50
C ASN C 234 -18.93 22.90 -27.05
N TYR C 235 -19.00 23.59 -25.91
CA TYR C 235 -20.29 23.88 -25.27
C TYR C 235 -20.52 25.38 -25.03
N VAL C 236 -19.67 26.23 -25.58
CA VAL C 236 -19.77 27.66 -25.27
C VAL C 236 -21.14 28.24 -25.66
N SER C 237 -21.66 27.88 -26.81
CA SER C 237 -22.96 28.41 -27.24
CA SER C 237 -22.96 28.41 -27.23
C SER C 237 -24.08 27.84 -26.37
N TRP C 238 -23.99 26.55 -26.06
CA TRP C 238 -24.98 25.91 -25.20
C TRP C 238 -24.99 26.54 -23.81
N ILE C 239 -23.81 26.79 -23.28
CA ILE C 239 -23.69 27.44 -21.98
C ILE C 239 -24.37 28.81 -22.02
N LYS C 240 -24.05 29.60 -23.03
CA LYS C 240 -24.64 30.94 -23.09
C LYS C 240 -26.16 30.91 -23.29
N GLN C 241 -26.62 30.04 -24.17
CA GLN C 241 -28.06 29.93 -24.43
C GLN C 241 -28.79 29.48 -23.18
N THR C 242 -28.20 28.54 -22.45
CA THR C 242 -28.84 27.99 -21.24
C THR C 242 -28.94 29.05 -20.16
N ILE C 243 -27.87 29.81 -19.98
CA ILE C 243 -27.84 30.87 -18.99
C ILE C 243 -28.84 31.97 -19.33
N ALA C 244 -29.06 32.18 -20.63
CA ALA C 244 -29.93 33.24 -21.09
C ALA C 244 -31.41 32.90 -20.89
N SER C 245 -31.73 31.61 -20.82
CA SER C 245 -33.14 31.20 -20.79
C SER C 245 -33.60 30.50 -19.50
N ASN C 246 -32.70 30.34 -18.53
CA ASN C 246 -33.06 29.70 -17.28
C ASN C 246 -32.72 30.53 -16.05
N SER D 1 -11.91 -8.84 5.07
CA SER D 1 -12.89 -7.76 5.10
C SER D 1 -13.44 -7.42 3.72
N GLY D 2 -14.72 -7.04 3.70
CA GLY D 2 -15.33 -6.49 2.50
C GLY D 2 -15.30 -4.98 2.57
N SER D 3 -16.20 -4.32 1.86
CA SER D 3 -16.18 -2.86 1.78
C SER D 3 -17.24 -2.19 2.66
N ASP D 4 -17.99 -2.98 3.43
CA ASP D 4 -19.15 -2.48 4.14
C ASP D 4 -18.89 -1.93 5.54
N GLY D 5 -17.64 -1.98 5.99
CA GLY D 5 -17.31 -1.50 7.32
C GLY D 5 -17.84 -2.37 8.45
N GLY D 6 -18.17 -3.62 8.15
CA GLY D 6 -18.69 -4.53 9.17
C GLY D 6 -17.63 -5.12 10.08
N VAL D 7 -18.08 -5.86 11.10
CA VAL D 7 -17.16 -6.53 12.01
C VAL D 7 -16.57 -7.77 11.32
N CYS D 8 -15.28 -7.72 11.03
CA CYS D 8 -14.59 -8.87 10.41
C CYS D 8 -13.47 -9.37 11.31
N PRO D 9 -13.69 -10.51 11.97
CA PRO D 9 -12.67 -11.08 12.87
C PRO D 9 -11.39 -11.42 12.12
N LYS D 10 -10.25 -11.32 12.79
CA LYS D 10 -8.96 -11.52 12.12
C LYS D 10 -8.45 -12.97 12.17
N ILE D 11 -9.36 -13.92 11.94
CA ILE D 11 -8.99 -15.33 11.86
C ILE D 11 -8.55 -15.69 10.43
N LEU D 12 -7.61 -16.62 10.31
CA LEU D 12 -7.25 -17.13 9.00
C LEU D 12 -8.14 -18.31 8.69
N LYS D 13 -8.94 -18.20 7.64
CA LYS D 13 -9.90 -19.25 7.34
C LYS D 13 -10.08 -19.46 5.84
N LYS D 14 -9.92 -20.70 5.39
CA LYS D 14 -10.11 -21.05 3.99
C LYS D 14 -11.59 -21.03 3.66
N CYS D 15 -11.94 -20.60 2.45
CA CYS D 15 -13.34 -20.44 2.11
C CYS D 15 -13.55 -20.61 0.62
N ARG D 16 -14.81 -20.87 0.27
CA ARG D 16 -15.26 -20.92 -1.11
C ARG D 16 -16.30 -19.83 -1.37
N ARG D 17 -17.04 -19.47 -0.32
CA ARG D 17 -18.11 -18.47 -0.44
C ARG D 17 -18.24 -17.66 0.86
N ASP D 18 -18.94 -16.53 0.81
CA ASP D 18 -19.03 -15.63 1.96
C ASP D 18 -19.56 -16.31 3.22
N SER D 19 -20.52 -17.22 3.06
CA SER D 19 -21.10 -17.88 4.21
C SER D 19 -20.11 -18.78 4.97
N ASP D 20 -18.97 -19.10 4.36
CA ASP D 20 -17.92 -19.83 5.05
C ASP D 20 -17.18 -18.94 6.05
N CYS D 21 -17.42 -17.64 5.99
CA CYS D 21 -16.64 -16.70 6.77
C CYS D 21 -17.42 -16.10 7.94
N PRO D 22 -16.72 -15.81 9.05
CA PRO D 22 -17.34 -15.28 10.28
C PRO D 22 -17.75 -13.81 10.15
N GLY D 23 -18.75 -13.42 10.93
CA GLY D 23 -19.17 -12.03 10.99
C GLY D 23 -19.44 -11.46 9.63
N ALA D 24 -18.93 -10.26 9.38
CA ALA D 24 -19.14 -9.58 8.10
C ALA D 24 -18.01 -9.82 7.11
N CYS D 25 -17.09 -10.72 7.45
CA CYS D 25 -16.02 -11.09 6.53
C CYS D 25 -16.62 -11.67 5.26
N ILE D 26 -15.92 -11.49 4.14
CA ILE D 26 -16.34 -12.11 2.89
C ILE D 26 -15.23 -13.05 2.45
N CYS D 27 -15.52 -13.91 1.48
CA CYS D 27 -14.49 -14.80 0.98
C CYS D 27 -13.79 -14.12 -0.19
N ARG D 28 -12.53 -13.76 0.00
CA ARG D 28 -11.81 -13.04 -1.05
C ARG D 28 -11.43 -13.97 -2.20
N GLY D 29 -10.90 -13.38 -3.27
CA GLY D 29 -10.57 -14.12 -4.47
C GLY D 29 -9.50 -15.17 -4.30
N ASN D 30 -8.65 -15.04 -3.28
CA ASN D 30 -7.61 -16.03 -3.00
C ASN D 30 -8.09 -17.21 -2.14
N GLY D 31 -9.38 -17.23 -1.82
CA GLY D 31 -9.94 -18.35 -1.09
C GLY D 31 -9.69 -18.29 0.41
N TYR D 32 -9.38 -17.10 0.91
CA TYR D 32 -9.31 -16.86 2.36
C TYR D 32 -10.29 -15.77 2.76
N CYS D 33 -10.79 -15.86 3.98
CA CYS D 33 -11.72 -14.85 4.49
C CYS D 33 -11.00 -13.54 4.74
N GLY D 34 -11.70 -12.44 4.55
CA GLY D 34 -11.16 -11.12 4.82
C GLY D 34 -12.26 -10.08 4.78
N SER E 1 14.17 -20.40 -7.35
CA SER E 1 15.23 -21.40 -7.36
C SER E 1 14.68 -22.81 -7.42
N GLY E 2 15.43 -23.69 -8.08
CA GLY E 2 15.17 -25.11 -8.04
C GLY E 2 16.04 -25.75 -6.96
N SER E 3 16.29 -27.04 -7.08
CA SER E 3 17.01 -27.76 -6.05
C SER E 3 18.45 -28.11 -6.44
N ASP E 4 18.86 -27.70 -7.64
CA ASP E 4 20.16 -28.11 -8.19
C ASP E 4 21.36 -27.31 -7.69
N GLY E 5 21.12 -26.23 -6.95
CA GLY E 5 22.22 -25.43 -6.42
C GLY E 5 22.83 -24.48 -7.45
N GLY E 6 22.12 -24.21 -8.53
CA GLY E 6 22.65 -23.35 -9.57
C GLY E 6 22.51 -21.87 -9.30
N VAL E 7 22.94 -21.06 -10.27
CA VAL E 7 22.82 -19.61 -10.18
C VAL E 7 21.40 -19.16 -10.58
N CYS E 8 20.61 -18.74 -9.59
CA CYS E 8 19.28 -18.21 -9.84
C CYS E 8 19.18 -16.73 -9.44
N PRO E 9 19.17 -15.84 -10.46
CA PRO E 9 19.04 -14.39 -10.24
C PRO E 9 17.78 -14.05 -9.47
N LYS E 10 17.83 -13.01 -8.63
CA LYS E 10 16.70 -12.65 -7.78
C LYS E 10 15.78 -11.63 -8.43
N ILE E 11 15.50 -11.83 -9.71
CA ILE E 11 14.56 -10.97 -10.42
C ILE E 11 13.14 -11.50 -10.23
N LEU E 12 12.15 -10.62 -10.25
CA LEU E 12 10.75 -11.05 -10.19
C LEU E 12 10.21 -11.13 -11.61
N LYS E 13 9.81 -12.33 -12.03
CA LYS E 13 9.40 -12.54 -13.42
C LYS E 13 8.30 -13.56 -13.50
N LYS E 14 7.20 -13.17 -14.15
CA LYS E 14 6.08 -14.07 -14.38
C LYS E 14 6.48 -15.14 -15.39
N CYS E 15 5.99 -16.35 -15.20
CA CYS E 15 6.42 -17.46 -16.04
C CYS E 15 5.33 -18.51 -16.21
N ARG E 16 5.47 -19.32 -17.24
CA ARG E 16 4.61 -20.48 -17.48
C ARG E 16 5.43 -21.76 -17.57
N ARG E 17 6.71 -21.62 -17.86
CA ARG E 17 7.60 -22.76 -18.03
C ARG E 17 9.02 -22.34 -17.65
N ASP E 18 9.88 -23.32 -17.37
CA ASP E 18 11.23 -23.02 -16.92
C ASP E 18 11.99 -22.11 -17.88
N SER E 19 11.71 -22.22 -19.18
CA SER E 19 12.45 -21.46 -20.18
C SER E 19 12.14 -19.96 -20.13
N ASP E 20 11.08 -19.58 -19.41
CA ASP E 20 10.74 -18.17 -19.23
C ASP E 20 11.66 -17.52 -18.21
N CYS E 21 12.45 -18.35 -17.52
CA CYS E 21 13.19 -17.91 -16.35
C CYS E 21 14.70 -17.87 -16.61
N PRO E 22 15.40 -16.91 -15.99
CA PRO E 22 16.85 -16.74 -16.22
C PRO E 22 17.70 -17.75 -15.46
N GLY E 23 18.92 -17.98 -15.97
CA GLY E 23 19.88 -18.87 -15.33
C GLY E 23 19.31 -20.24 -15.01
N ALA E 24 19.54 -20.68 -13.77
CA ALA E 24 19.07 -21.97 -13.30
C ALA E 24 17.73 -21.87 -12.58
N CYS E 25 17.13 -20.68 -12.59
CA CYS E 25 15.79 -20.53 -12.03
C CYS E 25 14.80 -21.43 -12.76
N ILE E 26 13.75 -21.86 -12.05
CA ILE E 26 12.66 -22.62 -12.67
C ILE E 26 11.32 -21.91 -12.44
N CYS E 27 10.28 -22.34 -13.14
CA CYS E 27 8.97 -21.73 -12.95
C CYS E 27 8.24 -22.40 -11.80
N ARG E 28 8.03 -21.64 -10.73
CA ARG E 28 7.41 -22.19 -9.52
C ARG E 28 5.89 -22.26 -9.66
N GLY E 29 5.26 -22.99 -8.74
CA GLY E 29 3.82 -23.19 -8.75
C GLY E 29 2.96 -21.93 -8.76
N ASN E 30 3.47 -20.83 -8.24
CA ASN E 30 2.70 -19.58 -8.19
C ASN E 30 2.83 -18.72 -9.45
N GLY E 31 3.55 -19.24 -10.44
CA GLY E 31 3.67 -18.54 -11.72
C GLY E 31 4.73 -17.44 -11.75
N TYR E 32 5.67 -17.50 -10.81
CA TYR E 32 6.85 -16.65 -10.81
C TYR E 32 8.10 -17.50 -10.80
N CYS E 33 9.20 -16.98 -11.36
CA CYS E 33 10.47 -17.70 -11.36
C CYS E 33 11.05 -17.80 -9.94
N GLY E 34 11.79 -18.88 -9.68
CA GLY E 34 12.38 -19.09 -8.38
C GLY E 34 13.45 -20.17 -8.45
N SER F 1 -11.87 3.23 -8.97
CA SER F 1 -11.71 2.34 -10.11
C SER F 1 -11.43 0.90 -9.72
N GLY F 2 -11.95 -0.02 -10.51
CA GLY F 2 -11.59 -1.43 -10.39
C GLY F 2 -10.43 -1.72 -11.34
N SER F 3 -10.22 -2.99 -11.65
CA SER F 3 -9.12 -3.36 -12.55
C SER F 3 -9.60 -3.71 -13.96
N ASP F 4 -10.86 -3.35 -14.25
CA ASP F 4 -11.49 -3.68 -15.53
C ASP F 4 -11.18 -2.66 -16.64
N GLY F 5 -10.60 -1.52 -16.27
CA GLY F 5 -10.30 -0.47 -17.24
C GLY F 5 -11.52 0.23 -17.79
N GLY F 6 -12.60 0.24 -17.02
CA GLY F 6 -13.83 0.86 -17.48
C GLY F 6 -13.86 2.36 -17.26
N VAL F 7 -15.01 2.97 -17.53
CA VAL F 7 -15.21 4.38 -17.25
C VAL F 7 -15.64 4.59 -15.80
N CYS F 8 -14.74 5.09 -14.97
CA CYS F 8 -15.05 5.39 -13.58
C CYS F 8 -14.94 6.90 -13.32
N PRO F 9 -16.09 7.57 -13.16
CA PRO F 9 -16.15 9.00 -12.86
C PRO F 9 -15.39 9.30 -11.59
N LYS F 10 -14.80 10.49 -11.51
CA LYS F 10 -13.99 10.84 -10.35
C LYS F 10 -14.76 11.58 -9.26
N ILE F 11 -15.93 11.06 -8.96
CA ILE F 11 -16.77 11.64 -7.92
C ILE F 11 -16.44 10.95 -6.60
N LEU F 12 -16.46 11.72 -5.52
CA LEU F 12 -16.31 11.17 -4.18
C LEU F 12 -17.66 10.65 -3.72
N LYS F 13 -17.73 9.36 -3.42
CA LYS F 13 -18.98 8.77 -2.98
C LYS F 13 -18.78 7.67 -1.94
N LYS F 14 -19.35 7.86 -0.76
CA LYS F 14 -19.33 6.83 0.27
C LYS F 14 -20.15 5.64 -0.21
N CYS F 15 -19.72 4.44 0.14
CA CYS F 15 -20.42 3.23 -0.30
C CYS F 15 -20.20 2.08 0.68
N ARG F 16 -21.00 1.04 0.52
CA ARG F 16 -20.81 -0.21 1.24
C ARG F 16 -20.78 -1.36 0.23
N ARG F 17 -21.35 -1.12 -0.94
CA ARG F 17 -21.53 -2.18 -1.95
C ARG F 17 -21.23 -1.59 -3.32
N ASP F 18 -20.90 -2.42 -4.30
CA ASP F 18 -20.55 -1.92 -5.63
C ASP F 18 -21.68 -1.16 -6.32
N SER F 19 -22.92 -1.52 -6.01
CA SER F 19 -24.07 -0.90 -6.65
CA SER F 19 -24.10 -0.91 -6.62
C SER F 19 -24.29 0.53 -6.14
N ASP F 20 -23.62 0.87 -5.05
CA ASP F 20 -23.64 2.22 -4.53
C ASP F 20 -22.81 3.15 -5.44
N CYS F 21 -22.08 2.57 -6.39
CA CYS F 21 -21.09 3.31 -7.17
C CYS F 21 -21.46 3.51 -8.65
N PRO F 22 -21.12 4.70 -9.20
CA PRO F 22 -21.45 5.05 -10.58
C PRO F 22 -20.56 4.38 -11.63
N GLY F 23 -21.11 4.19 -12.82
CA GLY F 23 -20.36 3.66 -13.95
C GLY F 23 -19.69 2.34 -13.67
N ALA F 24 -18.41 2.26 -14.01
CA ALA F 24 -17.64 1.03 -13.78
C ALA F 24 -16.91 1.05 -12.45
N CYS F 25 -17.16 2.08 -11.64
CA CYS F 25 -16.51 2.18 -10.33
C CYS F 25 -16.98 1.07 -9.42
N ILE F 26 -16.11 0.65 -8.49
CA ILE F 26 -16.46 -0.36 -7.50
C ILE F 26 -16.36 0.24 -6.09
N CYS F 27 -16.96 -0.42 -5.11
CA CYS F 27 -16.80 0.04 -3.74
C CYS F 27 -15.53 -0.57 -3.21
N ARG F 28 -14.54 0.28 -2.96
CA ARG F 28 -13.25 -0.18 -2.46
C ARG F 28 -13.32 -0.50 -0.98
N GLY F 29 -12.28 -1.15 -0.47
CA GLY F 29 -12.24 -1.63 0.91
C GLY F 29 -12.35 -0.56 1.97
N ASN F 30 -12.08 0.69 1.62
CA ASN F 30 -12.22 1.79 2.57
C ASN F 30 -13.61 2.39 2.59
N GLY F 31 -14.54 1.78 1.83
CA GLY F 31 -15.92 2.25 1.81
C GLY F 31 -16.15 3.50 0.98
N TYR F 32 -15.28 3.72 -0.01
CA TYR F 32 -15.48 4.80 -1.00
C TYR F 32 -15.41 4.21 -2.40
N CYS F 33 -16.12 4.82 -3.34
CA CYS F 33 -16.06 4.39 -4.73
C CYS F 33 -14.70 4.71 -5.36
N GLY F 34 -14.28 3.87 -6.30
CA GLY F 34 -13.04 4.07 -7.02
C GLY F 34 -12.91 3.07 -8.16
CA CA G . 8.59 -24.63 13.71
C ACT H . 7.82 -8.28 7.16
O ACT H . 6.71 -7.81 6.83
OXT ACT H . 8.18 -9.36 6.66
CH3 ACT H . 8.71 -7.58 8.14
CA CA I . 3.65 4.21 -4.46
C ACT J . 16.00 2.15 7.99
O ACT J . 14.83 2.57 8.19
OXT ACT J . 16.51 1.39 8.86
CH3 ACT J . 16.78 2.55 6.78
CA CA K . -13.40 26.66 4.95
#